data_8K2H
#
_entry.id   8K2H
#
_cell.length_a   68.852
_cell.length_b   134.036
_cell.length_c   149.969
_cell.angle_alpha   90.00
_cell.angle_beta   90.00
_cell.angle_gamma   90.00
#
_symmetry.space_group_name_H-M   'P 21 21 21'
#
loop_
_entity.id
_entity.type
_entity.pdbx_description
1 polymer 'Oligosaccharide/Monosaccharide-releasing beta-N-acetylhexosaminidase'
2 non-polymer (3aR,5R,6R,7R,7aR)-5-(hydroxymethyl)-2-methyl-5,6,7,7a-tetrahydro-3aH-pyrano[3,2-d][1,3]thiazole-6,7-diol
3 non-polymer DI(HYDROXYETHYL)ETHER
4 non-polymer 'CHLORIDE ION'
5 water water
#
_entity_poly.entity_id   1
_entity_poly.type   'polypeptide(L)'
_entity_poly.pdbx_seq_one_letter_code
;GPGMDNNVSQEMTVPVEGVAGGGTAYGFNDAEPLKQSTDPSEVPTADLVNVWCMPNTVNVGSQETPRALEPINLLAARNE
RESFQIAMRPKVSWAASSPSGIVQVQCSDLCSSAGDRLVVGQSLKLRRVVPVLGVPDALVPLDLPVSQLSLFPGETSVIW
VSIDVPTGQPPGQYEGEIIISAMKTDGGGSSHLAKHEKDQLCVELNTCLDIMEPIEGKPMDEVVERIKCASSSLRRILFS
PSFSEFISTNGSTDMMEEDVVSNLSLRIKLRLTVWEFIIPVTPSLPAVIGVSDTVIEDRFAVEHGSEDWYKKLDLHFKWL
LQYRISPYFCKWGESMRVLTYTSPWPADHPKSDEYLSDSRLAAYAVPYRQVIAGDDSRESYLRKEVEILRSKPHWNKAYF
YLWDEPLNMEHFDNVRKMASEIYAYAPDSRVLTTYYCGPGDAPLAPTPFESFVKVPNLLRPYTQIYCTSEWVLGNREDLV
KDILDELQTENGEEWWTYICLGPSDPHPNWHLGMRGTQQRAVMWRVWKEGGTGFLYWGANCYEKATVPSAEVKFRRGLPP
GDGVLYYPGEVFSSSSEPVASLRLERLLSGLQDYEYLKLYESKYGREEAMGLLEKTGVYTGPERYTLEHRPIDVLRGEVY
NTCRPS
;
_entity_poly.pdbx_strand_id   B,A
#
loop_
_chem_comp.id
_chem_comp.type
_chem_comp.name
_chem_comp.formula
CL non-polymer 'CHLORIDE ION' 'Cl -1'
GNL non-polymer (3aR,5R,6R,7R,7aR)-5-(hydroxymethyl)-2-methyl-5,6,7,7a-tetrahydro-3aH-pyrano[3,2-d][1,3]thiazole-6,7-diol 'C8 H13 N O4 S'
PEG non-polymer DI(HYDROXYETHYL)ETHER 'C4 H10 O3'
#
# COMPACT_ATOMS: atom_id res chain seq x y z
N VAL A 14 38.60 -12.13 -40.82
CA VAL A 14 40.07 -12.09 -40.48
C VAL A 14 40.78 -13.34 -41.01
N PRO A 15 41.80 -13.21 -41.91
CA PRO A 15 42.44 -14.38 -42.52
C PRO A 15 43.40 -15.11 -41.58
N VAL A 16 43.73 -16.35 -41.94
CA VAL A 16 44.59 -17.27 -41.18
C VAL A 16 45.90 -16.58 -40.75
N GLU A 17 46.43 -15.65 -41.56
CA GLU A 17 47.68 -14.96 -41.24
C GLU A 17 47.49 -13.65 -40.44
N GLY A 18 46.25 -13.30 -40.14
CA GLY A 18 45.93 -12.08 -39.40
C GLY A 18 45.82 -10.89 -40.33
N VAL A 19 45.14 -9.81 -39.87
CA VAL A 19 45.19 -8.54 -40.59
C VAL A 19 46.66 -8.12 -40.72
N ALA A 20 47.07 -7.81 -41.98
CA ALA A 20 48.35 -7.23 -42.33
C ALA A 20 49.51 -8.13 -41.90
N GLY A 21 49.26 -9.45 -41.75
CA GLY A 21 50.36 -10.36 -41.39
C GLY A 21 50.73 -10.38 -39.89
N GLY A 22 49.82 -9.92 -38.97
CA GLY A 22 50.07 -9.94 -37.52
C GLY A 22 50.01 -11.32 -36.86
N GLY A 23 49.47 -12.31 -37.58
CA GLY A 23 49.53 -13.71 -37.12
C GLY A 23 48.12 -14.16 -36.73
N THR A 24 48.01 -15.41 -36.22
CA THR A 24 46.73 -15.99 -35.84
C THR A 24 45.90 -15.00 -35.00
N ALA A 25 44.65 -14.72 -35.42
CA ALA A 25 43.57 -14.03 -34.73
C ALA A 25 43.94 -12.55 -34.53
N TYR A 26 44.95 -12.05 -35.25
CA TYR A 26 45.22 -10.63 -35.16
C TYR A 26 44.19 -9.84 -35.93
N GLY A 27 43.52 -8.93 -35.21
CA GLY A 27 42.63 -7.98 -35.86
C GLY A 27 41.14 -8.33 -35.73
N PHE A 28 40.74 -9.33 -34.94
CA PHE A 28 39.32 -9.61 -34.69
C PHE A 28 38.73 -8.46 -33.89
N ASN A 29 38.09 -7.50 -34.57
CA ASN A 29 37.68 -6.22 -34.00
C ASN A 29 38.92 -5.41 -33.58
N ASP A 30 38.97 -4.18 -34.10
CA ASP A 30 39.85 -3.14 -33.62
C ASP A 30 38.93 -2.09 -32.96
N ALA A 31 37.84 -2.58 -32.33
CA ALA A 31 36.75 -1.83 -31.71
C ALA A 31 36.86 -0.32 -31.94
N GLU A 32 37.06 0.12 -33.21
CA GLU A 32 37.14 1.54 -33.56
C GLU A 32 38.55 2.10 -33.29
N PRO A 33 39.36 2.63 -34.27
CA PRO A 33 40.73 3.11 -33.96
C PRO A 33 40.70 4.05 -32.74
N LEU A 34 41.72 4.01 -31.87
CA LEU A 34 41.90 5.06 -30.86
C LEU A 34 42.24 6.37 -31.62
N LYS A 35 42.10 7.53 -30.95
CA LYS A 35 42.66 8.78 -31.44
C LYS A 35 44.18 8.70 -31.19
N GLN A 36 44.98 9.32 -32.06
CA GLN A 36 46.43 9.24 -31.90
C GLN A 36 46.92 10.07 -30.68
N SER A 37 46.15 11.08 -30.25
CA SER A 37 46.55 11.88 -29.09
C SER A 37 46.02 11.23 -27.80
N THR A 38 46.79 11.36 -26.72
CA THR A 38 46.35 10.97 -25.39
C THR A 38 46.12 12.18 -24.49
N ASP A 39 46.05 13.39 -25.08
CA ASP A 39 46.00 14.64 -24.32
C ASP A 39 44.54 14.87 -23.90
N PRO A 40 44.24 14.83 -22.57
CA PRO A 40 42.86 15.02 -22.09
C PRO A 40 42.30 16.43 -22.25
N SER A 41 43.16 17.37 -22.68
CA SER A 41 42.66 18.71 -22.91
C SER A 41 42.23 18.82 -24.38
N GLU A 42 42.43 17.78 -25.22
CA GLU A 42 41.91 17.79 -26.60
C GLU A 42 41.08 16.55 -26.99
N VAL A 43 41.08 15.46 -26.21
CA VAL A 43 40.39 14.22 -26.62
C VAL A 43 39.19 13.95 -25.72
N PRO A 44 37.96 13.64 -26.19
CA PRO A 44 36.87 13.29 -25.25
C PRO A 44 37.24 12.20 -24.24
N THR A 45 36.87 12.39 -22.97
CA THR A 45 37.03 11.37 -21.91
C THR A 45 36.66 9.95 -22.41
N ALA A 46 35.62 9.88 -23.24
CA ALA A 46 35.06 8.64 -23.75
C ALA A 46 36.01 7.89 -24.69
N ASP A 47 36.96 8.58 -25.35
CA ASP A 47 37.98 7.93 -26.18
C ASP A 47 39.17 7.56 -25.32
N LEU A 48 39.28 8.07 -24.06
CA LEU A 48 40.37 7.68 -23.17
C LEU A 48 39.97 6.52 -22.23
N VAL A 49 38.67 6.44 -21.87
CA VAL A 49 38.22 5.53 -20.82
C VAL A 49 36.82 4.98 -21.17
N ASN A 50 36.70 3.64 -21.12
CA ASN A 50 35.38 2.98 -21.20
C ASN A 50 34.61 3.24 -19.91
N VAL A 51 33.37 3.79 -20.01
CA VAL A 51 32.52 3.98 -18.88
C VAL A 51 31.15 3.38 -19.19
N TRP A 52 30.61 2.57 -18.27
CA TRP A 52 29.30 1.92 -18.43
C TRP A 52 28.68 1.68 -17.05
N CYS A 53 27.39 1.42 -17.02
CA CYS A 53 26.68 1.20 -15.77
C CYS A 53 26.44 -0.29 -15.56
N MET A 54 26.28 -0.69 -14.29
CA MET A 54 26.01 -2.08 -13.94
C MET A 54 24.92 -2.10 -12.87
N PRO A 55 24.10 -3.19 -12.83
CA PRO A 55 23.08 -3.34 -11.78
C PRO A 55 23.66 -3.56 -10.38
N ASN A 56 22.86 -3.20 -9.36
CA ASN A 56 23.30 -3.21 -7.98
C ASN A 56 23.51 -4.63 -7.45
N THR A 57 23.13 -5.67 -8.22
CA THR A 57 23.27 -7.06 -7.79
C THR A 57 24.51 -7.75 -8.34
N VAL A 58 25.30 -7.04 -9.18
CA VAL A 58 26.56 -7.56 -9.65
C VAL A 58 27.71 -7.12 -8.71
N ASN A 59 28.54 -8.13 -8.38
CA ASN A 59 29.88 -7.97 -7.77
C ASN A 59 30.86 -7.77 -8.91
N VAL A 60 31.20 -6.52 -9.22
CA VAL A 60 31.90 -6.11 -10.43
C VAL A 60 33.43 -6.16 -10.19
N GLY A 61 34.04 -7.25 -10.67
CA GLY A 61 35.42 -7.57 -10.49
C GLY A 61 36.30 -6.65 -11.36
N SER A 62 37.63 -6.77 -11.19
CA SER A 62 38.63 -5.90 -11.78
C SER A 62 38.76 -6.24 -13.27
N GLN A 63 38.21 -7.39 -13.71
CA GLN A 63 38.35 -7.82 -15.10
C GLN A 63 36.99 -7.85 -15.79
N GLU A 64 35.98 -7.15 -15.26
CA GLU A 64 34.71 -7.06 -15.98
C GLU A 64 34.96 -6.27 -17.27
N THR A 65 34.39 -6.80 -18.37
CA THR A 65 34.50 -6.25 -19.72
C THR A 65 33.55 -5.09 -19.98
N PRO A 66 34.04 -4.08 -20.74
CA PRO A 66 33.23 -2.93 -21.12
C PRO A 66 31.95 -3.31 -21.84
N ARG A 67 30.90 -2.56 -21.50
CA ARG A 67 29.68 -2.49 -22.28
C ARG A 67 29.48 -1.04 -22.72
N ALA A 68 28.52 -0.83 -23.64
CA ALA A 68 28.20 0.47 -24.21
C ALA A 68 27.40 1.19 -23.13
N LEU A 69 27.69 2.47 -22.94
CA LEU A 69 27.00 3.29 -21.98
C LEU A 69 25.58 3.59 -22.49
N GLU A 70 24.60 3.52 -21.61
CA GLU A 70 23.24 3.88 -21.95
C GLU A 70 22.66 4.61 -20.73
N PRO A 71 21.49 5.27 -20.84
CA PRO A 71 20.91 5.94 -19.68
C PRO A 71 20.46 4.98 -18.60
N ILE A 72 20.40 5.46 -17.37
CA ILE A 72 19.94 4.59 -16.31
C ILE A 72 18.55 5.09 -15.87
N ASN A 73 17.59 4.14 -15.84
CA ASN A 73 16.20 4.39 -15.44
C ASN A 73 15.90 3.54 -14.20
N LEU A 74 15.59 4.24 -13.10
CA LEU A 74 15.42 3.67 -11.77
C LEU A 74 13.99 3.91 -11.28
N LEU A 75 13.58 3.08 -10.30
CA LEU A 75 12.33 3.20 -9.56
C LEU A 75 12.59 3.18 -8.06
N ALA A 76 11.94 4.08 -7.31
CA ALA A 76 11.98 3.99 -5.85
C ALA A 76 10.70 4.59 -5.28
N ALA A 77 10.23 3.95 -4.21
CA ALA A 77 9.25 4.48 -3.29
C ALA A 77 9.86 5.48 -2.30
N ARG A 78 9.01 6.11 -1.50
CA ARG A 78 9.49 7.04 -0.49
C ARG A 78 10.01 6.20 0.66
N ASN A 79 11.04 6.67 1.39
CA ASN A 79 11.72 5.89 2.38
C ASN A 79 12.36 4.62 1.78
N GLU A 80 12.88 4.70 0.53
CA GLU A 80 13.61 3.60 -0.11
C GLU A 80 14.99 4.09 -0.61
N ARG A 81 16.03 3.28 -0.37
CA ARG A 81 17.35 3.46 -1.00
C ARG A 81 17.49 2.60 -2.26
N GLU A 82 17.63 3.26 -3.39
CA GLU A 82 17.92 2.57 -4.64
C GLU A 82 19.34 2.93 -5.11
N SER A 83 20.00 2.00 -5.82
CA SER A 83 21.45 1.98 -6.06
C SER A 83 21.73 1.50 -7.47
N PHE A 84 22.86 1.95 -8.04
CA PHE A 84 23.44 1.33 -9.26
C PHE A 84 24.96 1.58 -9.22
N GLN A 85 25.69 1.02 -10.20
CA GLN A 85 27.15 1.14 -10.18
C GLN A 85 27.63 1.70 -11.52
N ILE A 86 28.72 2.45 -11.46
CA ILE A 86 29.50 2.95 -12.58
C ILE A 86 30.87 2.26 -12.62
N ALA A 87 31.16 1.59 -13.74
CA ALA A 87 32.44 0.96 -14.04
C ALA A 87 33.23 1.75 -15.09
N MET A 88 34.55 1.77 -14.92
CA MET A 88 35.52 2.61 -15.60
C MET A 88 36.73 1.74 -15.81
N ARG A 89 37.14 1.60 -17.07
CA ARG A 89 38.35 0.85 -17.42
C ARG A 89 39.14 1.66 -18.49
N PRO A 90 40.40 2.08 -18.21
CA PRO A 90 41.16 2.88 -19.15
C PRO A 90 41.39 2.21 -20.50
N LYS A 91 41.36 2.99 -21.59
CA LYS A 91 41.79 2.51 -22.91
C LYS A 91 43.27 2.81 -23.21
N VAL A 92 43.82 3.83 -22.55
CA VAL A 92 45.16 4.35 -22.78
C VAL A 92 45.59 5.01 -21.47
N SER A 93 46.88 5.45 -21.42
CA SER A 93 47.48 6.42 -20.49
C SER A 93 47.22 7.84 -20.98
N TRP A 94 46.64 8.70 -20.13
CA TRP A 94 46.55 10.11 -20.44
C TRP A 94 47.42 10.88 -19.46
N ALA A 95 48.11 10.11 -18.60
CA ALA A 95 49.18 10.58 -17.74
C ALA A 95 50.33 9.61 -17.85
N ALA A 96 51.18 9.83 -18.86
CA ALA A 96 52.24 8.89 -19.25
C ALA A 96 53.00 8.45 -18.01
N SER A 97 53.20 9.33 -16.98
CA SER A 97 54.15 9.05 -15.89
C SER A 97 53.57 8.40 -14.63
N SER A 98 52.25 8.52 -14.42
CA SER A 98 51.58 7.55 -13.53
C SER A 98 50.32 7.01 -14.20
N PRO A 99 50.49 5.91 -14.96
CA PRO A 99 49.40 5.36 -15.75
C PRO A 99 48.38 4.87 -14.75
N SER A 100 47.12 4.92 -15.17
CA SER A 100 46.69 5.36 -16.49
C SER A 100 46.39 6.86 -16.45
N GLY A 101 45.94 7.35 -15.30
CA GLY A 101 45.45 8.72 -15.24
C GLY A 101 44.39 8.89 -14.16
N ILE A 102 43.98 10.15 -13.91
CA ILE A 102 42.99 10.56 -12.92
C ILE A 102 41.73 11.00 -13.67
N VAL A 103 40.54 10.65 -13.17
CA VAL A 103 39.26 11.17 -13.66
C VAL A 103 38.64 11.94 -12.48
N GLN A 104 37.95 13.02 -12.83
CA GLN A 104 37.19 13.81 -11.86
C GLN A 104 35.74 13.40 -12.05
N VAL A 105 35.06 13.17 -10.92
CA VAL A 105 33.67 12.76 -10.86
C VAL A 105 32.83 13.83 -10.15
N GLN A 106 31.78 14.29 -10.82
CA GLN A 106 30.95 15.38 -10.32
C GLN A 106 29.49 14.93 -10.41
N CYS A 107 28.75 15.09 -9.33
CA CYS A 107 27.33 14.83 -9.38
C CYS A 107 26.53 16.08 -8.99
N SER A 108 25.22 16.00 -9.20
CA SER A 108 24.35 17.17 -9.30
C SER A 108 23.06 16.74 -8.58
N ASP A 109 22.29 17.67 -7.98
CA ASP A 109 20.91 17.39 -7.57
C ASP A 109 20.09 16.72 -8.69
N LEU A 110 19.17 15.82 -8.33
CA LEU A 110 18.15 15.40 -9.28
C LEU A 110 16.89 16.30 -9.14
N CYS A 111 16.24 16.69 -10.25
CA CYS A 111 15.10 17.64 -10.24
C CYS A 111 13.94 17.08 -11.08
N SER A 112 12.72 17.18 -10.54
CA SER A 112 11.51 16.83 -11.28
C SER A 112 11.01 18.07 -12.03
N SER A 113 9.91 17.88 -12.78
CA SER A 113 9.16 18.93 -13.46
C SER A 113 8.57 19.98 -12.53
N ALA A 114 8.05 19.51 -11.37
CA ALA A 114 7.49 20.38 -10.36
C ALA A 114 8.57 21.23 -9.67
N GLY A 115 9.88 20.98 -9.89
CA GLY A 115 10.93 21.72 -9.19
C GLY A 115 11.29 21.23 -7.80
N ASP A 116 10.81 20.02 -7.46
CA ASP A 116 11.30 19.25 -6.32
C ASP A 116 12.66 18.59 -6.69
N ARG A 117 13.44 18.30 -5.64
CA ARG A 117 14.86 18.02 -5.70
C ARG A 117 15.22 16.83 -4.81
N LEU A 118 16.18 16.02 -5.28
CA LEU A 118 16.92 15.10 -4.42
C LEU A 118 18.36 15.60 -4.41
N VAL A 119 18.76 16.07 -3.23
CA VAL A 119 19.99 16.84 -3.04
C VAL A 119 21.22 15.91 -2.88
N VAL A 120 22.37 16.29 -3.49
CA VAL A 120 23.71 15.71 -3.28
C VAL A 120 24.06 15.74 -1.80
N GLY A 121 24.40 14.60 -1.16
CA GLY A 121 24.82 14.68 0.24
C GLY A 121 23.79 14.14 1.21
N GLN A 122 22.54 14.59 1.13
CA GLN A 122 21.49 14.05 1.98
C GLN A 122 20.79 12.85 1.30
N SER A 123 20.57 12.86 -0.01
CA SER A 123 19.91 11.76 -0.72
C SER A 123 20.91 10.98 -1.56
N LEU A 124 21.66 11.72 -2.35
CA LEU A 124 22.50 11.15 -3.37
C LEU A 124 23.94 11.04 -2.85
N LYS A 125 24.50 9.82 -2.89
CA LYS A 125 25.86 9.54 -2.43
C LYS A 125 26.66 8.64 -3.41
N LEU A 126 28.00 8.80 -3.35
CA LEU A 126 29.00 8.07 -4.15
C LEU A 126 30.00 7.38 -3.21
N ARG A 127 30.23 6.08 -3.41
CA ARG A 127 31.25 5.32 -2.69
C ARG A 127 32.07 4.52 -3.68
N ARG A 128 33.35 4.27 -3.35
CA ARG A 128 34.16 3.39 -4.18
C ARG A 128 33.98 1.97 -3.68
N VAL A 129 33.98 1.01 -4.63
CA VAL A 129 33.88 -0.39 -4.27
C VAL A 129 35.31 -0.99 -4.26
N VAL A 130 35.73 -1.44 -3.05
CA VAL A 130 37.07 -1.88 -2.72
C VAL A 130 37.03 -3.37 -2.42
N PRO A 131 37.95 -4.20 -3.00
CA PRO A 131 37.99 -5.64 -2.73
C PRO A 131 38.49 -5.93 -1.33
N VAL A 132 37.86 -6.91 -0.71
CA VAL A 132 38.26 -7.49 0.57
C VAL A 132 38.50 -8.97 0.33
N LEU A 133 39.68 -9.48 0.71
CA LEU A 133 40.12 -10.82 0.37
C LEU A 133 40.02 -11.08 -1.13
N GLY A 134 40.17 -10.05 -1.94
CA GLY A 134 40.08 -10.31 -3.39
C GLY A 134 38.65 -10.20 -3.92
N VAL A 135 37.63 -10.01 -3.07
CA VAL A 135 36.24 -9.97 -3.56
C VAL A 135 35.70 -8.55 -3.37
N PRO A 136 35.06 -7.94 -4.40
CA PRO A 136 34.39 -6.65 -4.20
C PRO A 136 33.46 -6.68 -2.96
N ASP A 137 33.65 -5.74 -1.98
CA ASP A 137 32.86 -5.80 -0.75
C ASP A 137 32.78 -4.47 0.01
N ALA A 138 33.84 -3.65 0.07
CA ALA A 138 33.86 -2.49 0.97
C ALA A 138 33.43 -1.22 0.24
N LEU A 139 32.49 -0.44 0.80
CA LEU A 139 32.02 0.78 0.16
C LEU A 139 32.50 2.04 0.90
N VAL A 140 33.49 2.73 0.27
CA VAL A 140 34.28 3.78 0.91
C VAL A 140 33.84 5.13 0.33
N PRO A 141 33.47 6.12 1.17
CA PRO A 141 32.95 7.39 0.67
C PRO A 141 33.92 8.21 -0.17
N LEU A 142 33.36 8.76 -1.25
CA LEU A 142 33.94 9.82 -2.06
C LEU A 142 33.40 11.17 -1.60
N ASP A 143 34.24 12.21 -1.73
CA ASP A 143 33.87 13.61 -1.57
C ASP A 143 32.79 14.07 -2.55
N LEU A 144 31.86 14.83 -1.95
CA LEU A 144 30.68 15.34 -2.67
C LEU A 144 30.73 16.88 -2.66
N PRO A 145 30.28 17.59 -3.72
CA PRO A 145 29.90 16.97 -4.99
C PRO A 145 30.98 16.53 -5.99
N VAL A 146 32.25 16.85 -5.72
CA VAL A 146 33.34 16.63 -6.66
C VAL A 146 34.45 15.80 -5.99
N SER A 147 34.87 14.71 -6.68
CA SER A 147 35.91 13.81 -6.24
C SER A 147 36.83 13.49 -7.40
N GLN A 148 37.99 12.91 -7.06
CA GLN A 148 38.97 12.36 -7.99
C GLN A 148 39.28 10.89 -7.68
N LEU A 149 39.58 10.15 -8.75
CA LEU A 149 39.76 8.71 -8.68
C LEU A 149 40.89 8.36 -9.65
N SER A 150 41.93 7.64 -9.18
CA SER A 150 43.02 7.10 -9.98
C SER A 150 42.59 5.81 -10.68
N LEU A 151 42.89 5.68 -11.96
CA LEU A 151 42.55 4.49 -12.73
C LEU A 151 43.87 3.83 -13.19
N PHE A 152 43.97 2.49 -13.09
CA PHE A 152 45.21 1.73 -13.31
C PHE A 152 45.06 0.90 -14.59
N PRO A 153 46.18 0.60 -15.27
CA PRO A 153 46.10 -0.19 -16.51
C PRO A 153 45.55 -1.62 -16.30
N GLY A 154 44.56 -2.00 -17.11
CA GLY A 154 44.09 -3.37 -17.18
C GLY A 154 43.19 -3.73 -15.99
N GLU A 155 42.54 -2.72 -15.39
CA GLU A 155 41.72 -2.85 -14.19
C GLU A 155 40.43 -2.04 -14.35
N THR A 156 39.29 -2.67 -14.03
CA THR A 156 37.96 -2.09 -13.97
C THR A 156 37.73 -1.60 -12.54
N SER A 157 37.48 -0.29 -12.42
CA SER A 157 37.28 0.43 -11.16
C SER A 157 35.81 0.91 -11.03
N VAL A 158 35.19 0.77 -9.82
CA VAL A 158 33.76 0.80 -9.69
C VAL A 158 33.30 1.77 -8.62
N ILE A 159 32.22 2.51 -8.94
CA ILE A 159 31.56 3.42 -7.98
C ILE A 159 30.12 2.99 -7.72
N TRP A 160 29.76 2.92 -6.43
CA TRP A 160 28.42 2.62 -5.98
C TRP A 160 27.69 3.97 -5.78
N VAL A 161 26.64 4.15 -6.56
CA VAL A 161 25.71 5.26 -6.42
C VAL A 161 24.41 4.81 -5.76
N SER A 162 24.04 5.54 -4.71
CA SER A 162 22.84 5.30 -3.96
C SER A 162 22.06 6.61 -3.79
N ILE A 163 20.74 6.45 -3.71
CA ILE A 163 19.78 7.54 -3.60
C ILE A 163 18.77 7.15 -2.54
N ASP A 164 18.78 7.89 -1.46
CA ASP A 164 17.86 7.72 -0.34
C ASP A 164 16.68 8.71 -0.48
N VAL A 165 15.47 8.18 -0.74
CA VAL A 165 14.29 9.00 -0.94
C VAL A 165 13.60 9.26 0.41
N PRO A 166 13.56 10.55 0.87
CA PRO A 166 12.84 10.88 2.11
C PRO A 166 11.42 10.33 2.05
N THR A 167 10.92 10.05 3.25
CA THR A 167 9.54 9.66 3.54
C THR A 167 8.51 10.64 2.98
N GLY A 168 8.80 11.96 3.08
CA GLY A 168 7.93 13.02 2.60
C GLY A 168 8.19 13.38 1.14
N GLN A 169 8.98 12.63 0.34
CA GLN A 169 9.35 13.14 -0.99
C GLN A 169 8.12 13.12 -1.94
N PRO A 170 7.85 14.24 -2.68
CA PRO A 170 6.82 14.28 -3.70
C PRO A 170 7.17 13.26 -4.79
N PRO A 171 6.17 12.46 -5.18
CA PRO A 171 6.27 11.61 -6.36
C PRO A 171 6.66 12.41 -7.59
N GLY A 172 7.17 11.75 -8.63
CA GLY A 172 7.55 12.43 -9.86
C GLY A 172 8.72 11.73 -10.55
N GLN A 173 9.07 12.25 -11.74
CA GLN A 173 10.19 11.83 -12.52
C GLN A 173 11.35 12.80 -12.29
N TYR A 174 12.39 12.35 -11.55
CA TYR A 174 13.56 13.12 -11.19
C TYR A 174 14.69 12.76 -12.13
N GLU A 175 15.55 13.75 -12.43
CA GLU A 175 16.45 13.69 -13.58
C GLU A 175 17.71 14.42 -13.16
N GLY A 176 18.82 13.99 -13.73
CA GLY A 176 20.11 14.54 -13.37
C GLY A 176 21.21 13.84 -14.19
N GLU A 177 22.47 14.13 -13.81
CA GLU A 177 23.65 13.78 -14.57
C GLU A 177 24.79 13.54 -13.60
N ILE A 178 25.67 12.59 -13.94
CA ILE A 178 26.97 12.48 -13.28
C ILE A 178 27.99 12.69 -14.37
N ILE A 179 28.98 13.55 -14.08
CA ILE A 179 29.98 13.95 -15.06
C ILE A 179 31.36 13.40 -14.72
N ILE A 180 31.96 12.70 -15.69
CA ILE A 180 33.26 12.06 -15.56
C ILE A 180 34.21 12.82 -16.53
N SER A 181 35.34 13.37 -16.04
CA SER A 181 36.25 14.13 -16.86
C SER A 181 37.65 13.61 -16.68
N ALA A 182 38.31 13.21 -17.76
CA ALA A 182 39.72 12.88 -17.61
C ALA A 182 40.51 14.16 -17.38
N MET A 183 41.43 14.12 -16.41
CA MET A 183 42.20 15.28 -16.00
C MET A 183 43.68 15.15 -16.41
N LYS A 184 44.34 16.32 -16.68
CA LYS A 184 45.81 16.36 -16.74
C LYS A 184 46.38 16.69 -15.37
N THR A 185 47.17 15.79 -14.76
CA THR A 185 47.89 16.11 -13.53
C THR A 185 49.32 16.50 -13.86
N ASP A 186 49.89 17.22 -12.88
CA ASP A 186 50.70 18.41 -13.06
C ASP A 186 51.78 18.17 -14.13
N GLY A 187 51.48 18.51 -15.41
CA GLY A 187 52.22 18.02 -16.57
C GLY A 187 52.98 19.13 -17.30
N GLU A 257 42.89 28.53 -11.51
CA GLU A 257 42.03 27.32 -11.70
C GLU A 257 41.09 27.58 -12.88
N GLU A 258 40.56 26.48 -13.47
CA GLU A 258 39.32 26.49 -14.25
C GLU A 258 38.40 25.44 -13.62
N ASP A 259 37.12 25.35 -14.01
CA ASP A 259 36.38 24.12 -13.79
C ASP A 259 36.97 23.11 -14.79
N VAL A 260 36.82 21.79 -14.51
CA VAL A 260 37.37 20.77 -15.40
C VAL A 260 36.31 20.31 -16.43
N VAL A 261 35.03 20.67 -16.23
CA VAL A 261 33.91 20.21 -17.07
C VAL A 261 33.84 20.92 -18.42
N SER A 262 33.71 20.13 -19.48
CA SER A 262 33.86 20.66 -20.82
C SER A 262 33.07 19.77 -21.78
N ASN A 263 33.08 20.14 -23.05
CA ASN A 263 32.49 19.35 -24.11
C ASN A 263 33.19 17.98 -24.22
N LEU A 264 34.44 17.87 -23.76
CA LEU A 264 35.24 16.66 -23.66
C LEU A 264 34.77 15.74 -22.50
N SER A 265 34.07 16.26 -21.53
CA SER A 265 33.52 15.46 -20.46
C SER A 265 32.50 14.44 -20.99
N LEU A 266 32.34 13.36 -20.22
CA LEU A 266 31.35 12.30 -20.42
C LEU A 266 30.22 12.44 -19.37
N ARG A 267 28.99 12.39 -19.87
CA ARG A 267 27.81 12.67 -19.06
C ARG A 267 26.98 11.39 -18.97
N ILE A 268 26.72 10.93 -17.76
CA ILE A 268 25.86 9.79 -17.55
C ILE A 268 24.51 10.34 -17.15
N LYS A 269 23.45 9.88 -17.82
CA LYS A 269 22.11 10.39 -17.62
C LYS A 269 21.32 9.50 -16.65
N LEU A 270 20.71 10.14 -15.63
CA LEU A 270 19.95 9.47 -14.58
C LEU A 270 18.50 9.91 -14.62
N ARG A 271 17.60 8.93 -14.43
CA ARG A 271 16.18 9.20 -14.41
C ARG A 271 15.65 8.30 -13.30
N LEU A 272 15.06 8.87 -12.27
CA LEU A 272 14.44 8.08 -11.22
C LEU A 272 12.99 8.49 -11.14
N THR A 273 12.06 7.50 -11.18
CA THR A 273 10.66 7.67 -10.80
C THR A 273 10.42 7.36 -9.31
N VAL A 274 9.95 8.36 -8.57
CA VAL A 274 9.47 8.20 -7.21
C VAL A 274 7.96 7.94 -7.27
N TRP A 275 7.56 6.80 -6.69
CA TRP A 275 6.16 6.45 -6.80
C TRP A 275 5.51 6.55 -5.40
N GLU A 276 4.16 6.37 -5.37
CA GLU A 276 3.30 6.79 -4.25
C GLU A 276 3.52 5.97 -2.96
N PHE A 277 3.88 4.69 -3.06
CA PHE A 277 4.22 3.89 -1.88
C PHE A 277 5.21 4.64 -0.98
N ILE A 278 4.97 4.56 0.34
CA ILE A 278 5.90 4.87 1.40
C ILE A 278 6.30 3.55 2.06
N ILE A 279 7.58 3.17 2.05
CA ILE A 279 8.02 2.01 2.79
C ILE A 279 7.87 2.27 4.29
N PRO A 280 7.12 1.42 5.02
CA PRO A 280 6.82 1.70 6.44
C PRO A 280 8.03 2.22 7.20
N VAL A 281 7.84 3.24 8.06
CA VAL A 281 8.94 3.73 8.87
C VAL A 281 9.42 2.67 9.89
N THR A 282 8.50 1.89 10.48
CA THR A 282 8.84 0.77 11.36
C THR A 282 8.92 -0.49 10.48
N PRO A 283 10.13 -1.15 10.35
CA PRO A 283 10.26 -2.35 9.53
C PRO A 283 9.18 -3.41 9.83
N SER A 284 8.48 -3.89 8.79
CA SER A 284 7.50 -4.98 8.93
C SER A 284 8.15 -6.27 9.44
N LEU A 285 9.44 -6.49 9.14
CA LEU A 285 10.10 -7.70 9.64
C LEU A 285 11.18 -7.27 10.64
N PRO A 286 11.06 -7.55 11.95
CA PRO A 286 12.19 -7.34 12.85
C PRO A 286 13.38 -8.20 12.41
N ALA A 287 14.48 -7.54 12.02
CA ALA A 287 15.77 -8.17 11.76
C ALA A 287 16.72 -7.67 12.79
N VAL A 288 16.95 -8.51 13.78
CA VAL A 288 17.78 -8.16 14.92
C VAL A 288 19.21 -8.64 14.62
N ILE A 289 20.16 -7.70 14.77
CA ILE A 289 21.52 -7.97 14.34
C ILE A 289 22.40 -7.73 15.56
N GLY A 290 23.30 -8.64 15.87
CA GLY A 290 24.18 -8.46 17.02
C GLY A 290 25.47 -7.69 16.68
N VAL A 291 26.00 -6.98 17.71
CA VAL A 291 27.17 -6.14 17.66
C VAL A 291 28.04 -6.50 18.89
N SER A 292 29.20 -7.16 18.66
CA SER A 292 30.09 -7.50 19.74
C SER A 292 30.58 -6.21 20.39
N ASP A 293 30.32 -6.09 21.70
CA ASP A 293 30.86 -5.04 22.56
C ASP A 293 32.33 -5.27 22.92
N THR A 294 32.76 -6.51 23.13
CA THR A 294 34.18 -6.79 23.32
C THR A 294 35.00 -6.30 22.10
N VAL A 295 34.47 -6.47 20.87
CA VAL A 295 35.23 -6.06 19.67
C VAL A 295 35.46 -4.56 19.73
N ILE A 296 34.38 -3.82 20.01
CA ILE A 296 34.50 -2.38 20.15
C ILE A 296 35.49 -1.95 21.22
N GLU A 297 35.39 -2.56 22.41
CA GLU A 297 36.23 -2.25 23.56
C GLU A 297 37.70 -2.44 23.22
N ASP A 298 38.05 -3.54 22.55
CA ASP A 298 39.43 -3.79 22.16
C ASP A 298 39.90 -2.93 20.97
N ARG A 299 39.21 -2.97 19.83
CA ARG A 299 39.64 -2.30 18.62
C ARG A 299 39.78 -0.79 18.80
N PHE A 300 38.75 -0.16 19.41
CA PHE A 300 38.81 1.26 19.77
C PHE A 300 39.42 1.13 21.16
N ALA A 301 39.86 2.11 21.84
CA ALA A 301 40.46 1.51 23.04
C ALA A 301 39.63 2.09 24.18
N VAL A 302 38.44 1.51 24.34
CA VAL A 302 37.41 2.11 25.18
C VAL A 302 36.95 1.07 26.21
N GLU A 303 37.12 1.46 27.46
CA GLU A 303 36.82 0.65 28.61
C GLU A 303 35.30 0.69 28.80
N HIS A 304 34.76 -0.50 29.05
CA HIS A 304 33.35 -0.77 29.30
C HIS A 304 32.85 0.17 30.40
N GLY A 305 31.74 0.89 30.19
CA GLY A 305 31.25 1.80 31.22
C GLY A 305 31.67 3.24 31.03
N SER A 306 32.77 3.50 30.30
CA SER A 306 33.39 4.83 30.30
C SER A 306 32.53 5.75 29.45
N GLU A 307 32.86 7.03 29.48
CA GLU A 307 32.16 8.06 28.75
C GLU A 307 32.41 7.83 27.24
N ASP A 308 33.64 7.45 26.93
CA ASP A 308 34.08 7.24 25.55
C ASP A 308 33.40 5.96 25.03
N TRP A 309 33.18 4.98 25.91
CA TRP A 309 32.52 3.75 25.51
C TRP A 309 31.09 4.04 25.07
N TYR A 310 30.40 4.90 25.83
CA TYR A 310 29.01 5.21 25.62
C TYR A 310 28.85 5.96 24.27
N LYS A 311 29.81 6.85 23.94
CA LYS A 311 29.88 7.60 22.68
C LYS A 311 30.11 6.68 21.48
N LYS A 312 30.93 5.67 21.68
CA LYS A 312 31.27 4.74 20.62
C LYS A 312 30.06 3.87 20.27
N LEU A 313 29.30 3.40 21.29
CA LEU A 313 28.14 2.56 21.06
C LEU A 313 27.02 3.36 20.43
N ASP A 314 26.89 4.60 20.87
CA ASP A 314 25.94 5.54 20.29
C ASP A 314 26.19 5.69 18.79
N LEU A 315 27.45 5.92 18.39
CA LEU A 315 27.82 6.08 16.99
C LEU A 315 27.35 4.88 16.13
N HIS A 316 27.59 3.68 16.62
CA HIS A 316 27.23 2.44 15.93
C HIS A 316 25.72 2.21 15.87
N PHE A 317 25.01 2.44 16.99
CA PHE A 317 23.56 2.26 17.03
C PHE A 317 22.88 3.16 15.98
N LYS A 318 23.26 4.45 15.93
CA LYS A 318 22.66 5.42 15.03
C LYS A 318 22.94 5.11 13.56
N TRP A 319 24.17 4.64 13.23
CA TRP A 319 24.52 4.35 11.86
C TRP A 319 23.72 3.14 11.35
N LEU A 320 23.59 2.10 12.19
CA LEU A 320 23.01 0.82 11.82
C LEU A 320 21.51 0.94 11.51
N LEU A 321 20.77 1.91 12.12
CA LEU A 321 19.31 1.99 11.94
C LEU A 321 18.94 2.31 10.49
N GLN A 322 19.88 2.81 9.72
CA GLN A 322 19.50 3.16 8.34
C GLN A 322 19.37 1.91 7.46
N TYR A 323 19.80 0.72 7.95
CA TYR A 323 19.70 -0.55 7.20
C TYR A 323 18.41 -1.36 7.47
N ARG A 324 17.40 -0.77 8.18
CA ARG A 324 16.11 -1.41 8.49
C ARG A 324 16.30 -2.60 9.42
N ILE A 325 17.33 -2.48 10.27
CA ILE A 325 17.62 -3.52 11.25
C ILE A 325 17.46 -2.97 12.66
N SER A 326 17.46 -3.88 13.64
CA SER A 326 17.33 -3.60 15.05
C SER A 326 18.57 -4.12 15.75
N PRO A 327 19.60 -3.26 16.00
CA PRO A 327 20.84 -3.68 16.63
C PRO A 327 20.64 -4.10 18.10
N TYR A 328 21.44 -5.08 18.54
CA TYR A 328 21.64 -5.32 19.93
C TYR A 328 23.16 -5.50 20.12
N PHE A 329 23.73 -4.94 21.20
CA PHE A 329 25.08 -5.29 21.65
C PHE A 329 25.04 -6.65 22.35
N CYS A 330 26.17 -7.36 22.35
CA CYS A 330 26.15 -8.74 22.75
C CYS A 330 27.49 -9.12 23.37
N LYS A 331 27.43 -9.67 24.60
CA LYS A 331 28.62 -10.29 25.20
C LYS A 331 28.28 -11.75 25.54
N TRP A 332 29.11 -12.67 25.05
CA TRP A 332 28.92 -14.09 25.30
C TRP A 332 29.54 -14.48 26.63
N GLY A 333 28.84 -15.36 27.35
CA GLY A 333 29.33 -15.85 28.63
C GLY A 333 29.43 -17.36 28.64
N GLU A 334 29.47 -17.85 29.88
CA GLU A 334 29.69 -19.25 30.21
C GLU A 334 28.70 -20.10 29.40
N SER A 335 29.20 -21.12 28.64
CA SER A 335 28.33 -22.08 27.95
C SER A 335 27.36 -21.44 26.93
N MET A 336 27.69 -20.23 26.44
CA MET A 336 26.98 -19.44 25.41
C MET A 336 25.70 -18.79 25.91
N ARG A 337 25.58 -18.62 27.23
CA ARG A 337 24.72 -17.54 27.76
C ARG A 337 25.06 -16.21 27.07
N VAL A 338 24.06 -15.32 27.00
CA VAL A 338 24.34 -14.03 26.36
C VAL A 338 23.74 -12.91 27.20
N LEU A 339 24.56 -11.85 27.32
CA LEU A 339 24.09 -10.50 27.64
C LEU A 339 23.84 -9.70 26.37
N THR A 340 22.56 -9.35 26.15
CA THR A 340 22.12 -8.68 24.95
C THR A 340 21.31 -7.45 25.33
N TYR A 341 21.74 -6.31 24.78
CA TYR A 341 21.17 -5.02 25.11
C TYR A 341 21.18 -4.10 23.90
N THR A 342 20.02 -3.54 23.53
CA THR A 342 20.00 -2.53 22.49
C THR A 342 20.51 -1.17 22.99
N SER A 343 20.17 -0.81 24.25
CA SER A 343 20.48 0.47 24.84
C SER A 343 21.41 0.25 26.03
N PRO A 344 22.63 0.79 26.02
CA PRO A 344 23.52 0.65 27.18
C PRO A 344 23.12 1.53 28.39
N TRP A 345 22.16 2.45 28.18
CA TRP A 345 21.71 3.46 29.13
C TRP A 345 20.69 2.86 30.10
N PRO A 346 20.66 3.23 31.41
CA PRO A 346 19.65 2.67 32.32
C PRO A 346 18.31 3.14 31.76
N ALA A 347 17.23 2.36 32.00
CA ALA A 347 15.90 2.69 31.53
C ALA A 347 15.35 4.01 32.10
N ASP A 348 15.85 4.41 33.27
CA ASP A 348 15.73 5.75 33.86
C ASP A 348 16.16 6.91 32.94
N HIS A 349 17.29 6.74 32.24
CA HIS A 349 18.04 7.83 31.60
C HIS A 349 17.26 8.33 30.37
N PRO A 350 17.31 9.62 30.04
CA PRO A 350 16.62 10.10 28.84
C PRO A 350 17.08 9.54 27.49
N LYS A 351 18.33 9.03 27.47
CA LYS A 351 18.87 8.36 26.29
C LYS A 351 18.16 7.02 26.05
N SER A 352 17.73 6.32 27.12
CA SER A 352 16.99 5.05 26.99
C SER A 352 15.75 5.21 26.10
N ASP A 353 14.88 6.17 26.40
CA ASP A 353 13.73 6.45 25.57
C ASP A 353 13.99 6.97 24.16
N GLU A 354 15.06 7.73 23.98
CA GLU A 354 15.47 8.20 22.65
C GLU A 354 15.85 7.02 21.72
N TYR A 355 16.51 5.98 22.24
CA TYR A 355 16.76 4.76 21.46
C TYR A 355 15.43 4.01 21.19
N LEU A 356 14.72 3.66 22.30
CA LEU A 356 13.75 2.58 22.30
C LEU A 356 12.45 3.09 21.68
N SER A 357 12.24 4.40 21.69
CA SER A 357 11.02 4.93 21.08
C SER A 357 11.27 5.40 19.64
N ASP A 358 12.50 5.28 19.11
CA ASP A 358 12.80 5.53 17.68
C ASP A 358 11.89 4.66 16.76
N SER A 359 11.20 5.33 15.82
CA SER A 359 10.28 4.68 14.91
C SER A 359 10.96 3.63 14.01
N ARG A 360 12.26 3.78 13.72
CA ARG A 360 13.02 2.87 12.84
C ARG A 360 13.43 1.58 13.54
N LEU A 361 13.26 1.51 14.86
CA LEU A 361 13.68 0.36 15.64
C LEU A 361 12.49 -0.55 15.94
N ALA A 362 12.47 -1.77 15.37
CA ALA A 362 11.28 -2.63 15.43
C ALA A 362 11.30 -3.49 16.70
N ALA A 363 12.48 -3.71 17.31
CA ALA A 363 12.65 -4.65 18.40
C ALA A 363 13.92 -4.32 19.17
N TYR A 364 13.87 -4.41 20.50
CA TYR A 364 15.04 -4.11 21.31
C TYR A 364 15.22 -5.17 22.39
N ALA A 365 16.47 -5.51 22.61
CA ALA A 365 16.93 -6.42 23.64
C ALA A 365 17.00 -5.69 24.97
N VAL A 366 16.43 -6.33 26.00
CA VAL A 366 16.57 -5.93 27.38
C VAL A 366 17.52 -6.88 28.09
N PRO A 367 18.58 -6.38 28.70
CA PRO A 367 19.47 -7.27 29.42
C PRO A 367 19.00 -7.95 30.72
N TYR A 368 19.54 -9.17 30.92
CA TYR A 368 19.18 -10.01 32.03
C TYR A 368 19.95 -9.58 33.28
N ARG A 369 21.27 -9.35 33.11
CA ARG A 369 22.14 -8.83 34.15
C ARG A 369 22.48 -7.39 33.81
N GLN A 370 23.18 -6.72 34.75
CA GLN A 370 23.52 -5.31 34.65
C GLN A 370 24.58 -5.14 33.58
N VAL A 371 24.45 -4.12 32.74
CA VAL A 371 25.48 -3.79 31.75
C VAL A 371 26.73 -3.23 32.47
N ILE A 372 26.55 -2.18 33.30
CA ILE A 372 27.67 -1.61 34.08
C ILE A 372 27.58 -2.14 35.52
N ALA A 373 28.74 -2.46 36.11
CA ALA A 373 28.80 -2.92 37.51
C ALA A 373 28.00 -2.01 38.45
N GLY A 374 27.08 -2.62 39.21
CA GLY A 374 26.22 -1.89 40.13
C GLY A 374 26.50 -2.25 41.59
N ASP A 375 25.63 -1.73 42.47
CA ASP A 375 25.60 -2.09 43.87
C ASP A 375 24.47 -3.09 44.15
N ASP A 376 23.41 -3.08 43.34
CA ASP A 376 22.26 -3.96 43.55
C ASP A 376 22.69 -5.38 43.16
N SER A 377 21.93 -6.39 43.61
CA SER A 377 21.97 -7.70 42.99
C SER A 377 21.22 -7.62 41.66
N ARG A 378 21.44 -8.61 40.75
CA ARG A 378 20.81 -8.65 39.43
C ARG A 378 19.28 -8.73 39.55
N GLU A 379 18.79 -9.56 40.50
CA GLU A 379 17.37 -9.76 40.76
C GLU A 379 16.74 -8.38 40.97
N SER A 380 17.36 -7.63 41.91
CA SER A 380 17.02 -6.27 42.29
C SER A 380 17.07 -5.26 41.11
N TYR A 381 18.16 -5.26 40.33
CA TYR A 381 18.26 -4.43 39.13
C TYR A 381 17.15 -4.72 38.09
N LEU A 382 16.91 -6.02 37.79
CA LEU A 382 16.06 -6.41 36.70
C LEU A 382 14.63 -6.07 37.05
N ARG A 383 14.26 -6.27 38.33
CA ARG A 383 12.94 -5.86 38.82
C ARG A 383 12.70 -4.38 38.46
N LYS A 384 13.70 -3.52 38.76
CA LYS A 384 13.45 -2.08 38.64
C LYS A 384 13.53 -1.63 37.19
N GLU A 385 14.45 -2.27 36.39
CA GLU A 385 14.48 -2.03 34.94
C GLU A 385 13.14 -2.38 34.27
N VAL A 386 12.61 -3.58 34.50
CA VAL A 386 11.34 -3.98 33.91
C VAL A 386 10.16 -3.13 34.39
N GLU A 387 10.12 -2.70 35.67
CA GLU A 387 8.96 -1.93 36.10
C GLU A 387 8.87 -0.63 35.30
N ILE A 388 10.03 0.00 35.01
CA ILE A 388 10.05 1.22 34.21
C ILE A 388 9.61 0.90 32.77
N LEU A 389 10.24 -0.12 32.14
CA LEU A 389 10.05 -0.33 30.71
C LEU A 389 8.63 -0.75 30.40
N ARG A 390 8.07 -1.64 31.24
CA ARG A 390 6.71 -2.13 31.02
C ARG A 390 5.68 -0.99 31.04
N SER A 391 5.95 0.21 31.62
CA SER A 391 5.02 1.35 31.61
C SER A 391 5.04 2.12 30.28
N LYS A 392 6.15 2.00 29.54
CA LYS A 392 6.43 2.86 28.40
C LYS A 392 5.68 2.35 27.19
N PRO A 393 5.34 3.22 26.21
CA PRO A 393 4.54 2.78 25.04
C PRO A 393 5.31 1.88 24.04
N HIS A 394 6.64 1.86 24.11
CA HIS A 394 7.48 0.99 23.27
C HIS A 394 7.69 -0.45 23.79
N TRP A 395 6.99 -0.82 24.88
CA TRP A 395 7.27 -2.05 25.58
C TRP A 395 6.97 -3.24 24.70
N ASN A 396 6.02 -3.08 23.80
CA ASN A 396 5.62 -4.12 22.85
C ASN A 396 6.78 -4.51 21.91
N LYS A 397 7.86 -3.68 21.78
CA LYS A 397 9.01 -4.02 20.96
C LYS A 397 10.07 -4.79 21.74
N ALA A 398 9.93 -4.91 23.06
CA ALA A 398 10.95 -5.58 23.85
C ALA A 398 10.99 -7.09 23.65
N TYR A 399 12.21 -7.64 23.85
CA TYR A 399 12.50 -9.06 24.00
C TYR A 399 13.75 -9.24 24.86
N PHE A 400 13.87 -10.44 25.42
CA PHE A 400 15.03 -10.90 26.14
C PHE A 400 15.69 -12.00 25.33
N TYR A 401 17.03 -11.97 25.15
CA TYR A 401 17.74 -13.07 24.53
C TYR A 401 18.83 -13.53 25.50
N LEU A 402 18.65 -14.76 26.05
CA LEU A 402 19.33 -15.23 27.26
C LEU A 402 20.37 -16.28 26.93
N TRP A 403 20.10 -17.09 25.88
CA TRP A 403 20.97 -18.24 25.62
C TRP A 403 21.09 -18.49 24.11
N ASP A 404 22.33 -18.50 23.65
CA ASP A 404 22.68 -18.75 22.26
C ASP A 404 22.91 -20.26 22.00
N GLU A 405 21.94 -20.89 21.38
CA GLU A 405 22.09 -22.29 20.97
C GLU A 405 22.28 -23.19 22.20
N PRO A 406 21.28 -23.34 23.09
CA PRO A 406 21.31 -24.40 24.10
C PRO A 406 21.42 -25.77 23.44
N LEU A 407 22.38 -26.59 23.92
CA LEU A 407 22.82 -27.84 23.32
C LEU A 407 22.34 -29.07 24.12
N ASN A 408 21.99 -28.88 25.40
CA ASN A 408 21.79 -30.01 26.29
C ASN A 408 20.83 -29.61 27.38
N MET A 409 20.42 -30.58 28.20
CA MET A 409 19.16 -30.47 28.96
C MET A 409 19.26 -29.35 30.03
N GLU A 410 20.43 -29.27 30.69
CA GLU A 410 20.76 -28.23 31.67
C GLU A 410 20.54 -26.84 31.05
N HIS A 411 20.92 -26.65 29.75
CA HIS A 411 20.83 -25.36 29.05
C HIS A 411 19.36 -24.95 28.87
N PHE A 412 18.52 -25.93 28.48
CA PHE A 412 17.11 -25.69 28.25
C PHE A 412 16.41 -25.44 29.60
N ASP A 413 16.89 -26.08 30.69
CA ASP A 413 16.33 -25.82 32.02
C ASP A 413 16.69 -24.45 32.55
N ASN A 414 17.96 -24.07 32.33
CA ASN A 414 18.40 -22.74 32.68
C ASN A 414 17.50 -21.65 32.03
N VAL A 415 17.08 -21.83 30.78
CA VAL A 415 16.25 -20.84 30.08
C VAL A 415 14.87 -20.69 30.73
N ARG A 416 14.26 -21.85 31.05
CA ARG A 416 12.98 -21.90 31.75
C ARG A 416 13.07 -21.09 33.06
N LYS A 417 14.14 -21.30 33.87
CA LYS A 417 14.34 -20.71 35.19
C LYS A 417 14.45 -19.20 35.02
N MET A 418 15.39 -18.78 34.17
CA MET A 418 15.62 -17.36 33.88
C MET A 418 14.34 -16.70 33.32
N ALA A 419 13.68 -17.35 32.37
CA ALA A 419 12.45 -16.80 31.82
C ALA A 419 11.36 -16.61 32.90
N SER A 420 11.24 -17.54 33.88
CA SER A 420 10.20 -17.45 34.92
C SER A 420 10.51 -16.35 35.94
N GLU A 421 11.80 -16.12 36.31
CA GLU A 421 12.12 -14.90 37.06
C GLU A 421 11.46 -13.71 36.34
N ILE A 422 11.62 -13.63 34.98
CA ILE A 422 11.29 -12.44 34.23
C ILE A 422 9.79 -12.23 34.30
N TYR A 423 9.06 -13.33 34.03
CA TYR A 423 7.59 -13.31 33.96
C TYR A 423 6.94 -12.91 35.31
N ALA A 424 7.62 -13.15 36.44
CA ALA A 424 7.15 -12.73 37.75
C ALA A 424 7.08 -11.20 37.87
N TYR A 425 8.00 -10.45 37.24
CA TYR A 425 7.92 -8.98 37.18
C TYR A 425 7.00 -8.51 36.05
N ALA A 426 6.95 -9.21 34.91
CA ALA A 426 5.93 -8.90 33.90
C ALA A 426 5.67 -10.16 33.08
N PRO A 427 4.42 -10.67 33.24
CA PRO A 427 4.01 -11.92 32.58
C PRO A 427 4.00 -11.96 31.03
N ASP A 428 3.83 -10.78 30.37
CA ASP A 428 3.75 -10.58 28.91
C ASP A 428 5.13 -10.36 28.22
N SER A 429 6.25 -10.61 28.95
CA SER A 429 7.63 -10.51 28.44
C SER A 429 7.84 -11.57 27.35
N ARG A 430 8.69 -11.25 26.32
CA ARG A 430 8.93 -12.12 25.19
C ARG A 430 10.37 -12.60 25.29
N VAL A 431 10.56 -13.92 25.44
CA VAL A 431 11.87 -14.49 25.52
C VAL A 431 12.20 -15.16 24.16
N LEU A 432 13.33 -14.72 23.54
CA LEU A 432 13.89 -15.21 22.29
C LEU A 432 14.96 -16.22 22.65
N THR A 433 14.82 -17.44 22.08
CA THR A 433 15.85 -18.46 22.12
C THR A 433 16.24 -18.91 20.71
N THR A 434 17.57 -19.02 20.46
CA THR A 434 18.09 -19.53 19.20
C THR A 434 18.51 -20.98 19.36
N TYR A 435 18.20 -21.83 18.39
CA TYR A 435 18.63 -23.24 18.50
C TYR A 435 18.64 -23.94 17.16
N TYR A 436 19.54 -24.92 17.03
CA TYR A 436 19.60 -25.75 15.83
C TYR A 436 19.24 -27.22 16.14
N CYS A 437 19.05 -27.59 17.42
CA CYS A 437 19.03 -28.96 17.92
C CYS A 437 18.19 -29.06 19.21
N GLY A 438 17.63 -30.25 19.47
CA GLY A 438 17.12 -30.59 20.77
C GLY A 438 18.29 -30.90 21.70
N PRO A 439 17.99 -31.26 22.98
CA PRO A 439 19.00 -31.67 23.96
C PRO A 439 19.76 -32.92 23.54
N GLY A 440 21.10 -32.80 23.41
CA GLY A 440 21.96 -33.89 22.97
C GLY A 440 21.88 -35.09 23.92
N ASP A 441 21.80 -34.84 25.24
CA ASP A 441 21.94 -35.88 26.25
C ASP A 441 20.58 -36.51 26.59
N ALA A 442 19.47 -35.99 26.03
CA ALA A 442 18.14 -36.51 26.29
C ALA A 442 17.24 -36.26 25.07
N PRO A 443 17.39 -37.01 23.96
CA PRO A 443 16.66 -36.65 22.74
C PRO A 443 15.16 -36.66 23.07
N LEU A 444 14.39 -35.77 22.43
CA LEU A 444 12.94 -35.71 22.51
C LEU A 444 12.26 -36.57 21.44
N ALA A 445 13.03 -37.31 20.67
CA ALA A 445 12.54 -38.12 19.57
C ALA A 445 13.72 -38.91 18.98
N PRO A 446 13.47 -40.04 18.28
CA PRO A 446 14.53 -40.93 17.80
C PRO A 446 15.57 -40.47 16.76
N THR A 447 15.31 -39.34 16.07
CA THR A 447 16.24 -38.71 15.14
C THR A 447 16.53 -37.26 15.56
N PRO A 448 17.69 -36.68 15.16
CA PRO A 448 18.03 -35.28 15.44
C PRO A 448 17.03 -34.29 14.87
N PHE A 449 16.53 -34.49 13.63
CA PHE A 449 15.61 -33.50 13.08
C PHE A 449 14.29 -33.45 13.85
N GLU A 450 13.78 -34.64 14.22
CA GLU A 450 12.54 -34.83 14.97
C GLU A 450 12.66 -34.28 16.41
N SER A 451 13.80 -34.45 17.05
CA SER A 451 14.10 -33.91 18.36
C SER A 451 14.08 -32.38 18.30
N PHE A 452 14.70 -31.82 17.24
CA PHE A 452 14.69 -30.41 16.94
C PHE A 452 13.28 -29.86 16.79
N VAL A 453 12.42 -30.57 16.06
CA VAL A 453 11.04 -30.13 15.87
C VAL A 453 10.22 -30.01 17.18
N LYS A 454 10.54 -30.78 18.22
CA LYS A 454 9.82 -30.83 19.48
C LYS A 454 10.36 -29.83 20.51
N VAL A 455 11.31 -28.96 20.12
CA VAL A 455 11.90 -28.12 21.16
C VAL A 455 10.82 -27.27 21.84
N PRO A 456 9.83 -26.73 21.08
CA PRO A 456 8.82 -25.89 21.68
C PRO A 456 7.95 -26.61 22.76
N ASN A 457 7.80 -27.96 22.67
CA ASN A 457 7.03 -28.77 23.62
C ASN A 457 7.76 -28.84 24.96
N LEU A 458 9.09 -28.97 24.90
CA LEU A 458 9.94 -28.87 26.06
C LEU A 458 9.98 -27.45 26.70
N LEU A 459 9.98 -26.37 25.89
CA LEU A 459 10.28 -25.05 26.46
C LEU A 459 8.98 -24.36 26.89
N ARG A 460 7.83 -24.70 26.29
CA ARG A 460 6.57 -24.00 26.52
C ARG A 460 6.18 -23.98 28.01
N PRO A 461 5.69 -22.85 28.63
CA PRO A 461 5.54 -21.52 27.99
C PRO A 461 6.65 -20.46 28.28
N TYR A 462 7.92 -20.93 28.32
CA TYR A 462 9.10 -20.14 28.71
C TYR A 462 10.00 -19.78 27.51
N THR A 463 9.40 -19.68 26.29
CA THR A 463 9.99 -19.03 25.13
C THR A 463 8.84 -18.55 24.24
N GLN A 464 8.88 -17.29 23.77
CA GLN A 464 7.86 -16.74 22.88
C GLN A 464 8.33 -16.73 21.39
N ILE A 465 9.66 -16.60 21.17
CA ILE A 465 10.20 -16.42 19.81
C ILE A 465 11.15 -17.60 19.60
N TYR A 466 10.73 -18.52 18.74
CA TYR A 466 11.50 -19.73 18.50
C TYR A 466 12.29 -19.41 17.23
N CYS A 467 13.59 -19.15 17.42
CA CYS A 467 14.46 -18.62 16.37
C CYS A 467 15.41 -19.73 15.95
N THR A 468 15.11 -20.39 14.82
CA THR A 468 15.76 -21.65 14.42
C THR A 468 16.76 -21.44 13.29
N SER A 469 17.77 -22.31 13.22
CA SER A 469 18.80 -22.29 12.18
C SER A 469 18.21 -22.76 10.86
N GLU A 470 18.39 -21.95 9.83
CA GLU A 470 17.91 -22.32 8.51
C GLU A 470 18.62 -23.57 7.95
N TRP A 471 19.90 -23.76 8.27
CA TRP A 471 20.71 -24.84 7.74
CA TRP A 471 20.73 -24.84 7.72
C TRP A 471 20.07 -26.18 8.06
N VAL A 472 19.40 -26.30 9.22
CA VAL A 472 18.77 -27.53 9.69
C VAL A 472 17.79 -28.10 8.66
N LEU A 473 17.13 -27.22 7.90
CA LEU A 473 16.19 -27.62 6.87
C LEU A 473 16.85 -28.16 5.58
N GLY A 474 18.16 -27.99 5.38
CA GLY A 474 18.75 -28.26 4.08
C GLY A 474 17.98 -27.50 3.01
N ASN A 475 17.49 -28.18 1.95
CA ASN A 475 16.72 -27.48 0.92
C ASN A 475 15.23 -27.86 0.98
N ARG A 476 14.81 -28.45 2.13
CA ARG A 476 13.44 -28.93 2.39
C ARG A 476 12.57 -27.80 2.91
N GLU A 477 12.08 -26.97 2.02
CA GLU A 477 11.11 -25.95 2.38
C GLU A 477 9.75 -26.55 2.80
N ASP A 478 9.52 -27.82 2.45
CA ASP A 478 8.26 -28.49 2.78
C ASP A 478 8.26 -28.92 4.27
N LEU A 479 9.39 -29.03 4.94
CA LEU A 479 9.38 -29.35 6.34
C LEU A 479 9.19 -28.13 7.24
N VAL A 480 9.04 -26.94 6.65
CA VAL A 480 8.69 -25.76 7.41
C VAL A 480 7.41 -26.05 8.21
N LYS A 481 6.45 -26.73 7.58
CA LYS A 481 5.17 -27.05 8.20
C LYS A 481 5.37 -27.91 9.46
N ASP A 482 6.36 -28.78 9.44
CA ASP A 482 6.68 -29.60 10.61
C ASP A 482 7.08 -28.71 11.82
N ILE A 483 7.83 -27.61 11.61
CA ILE A 483 8.22 -26.72 12.68
C ILE A 483 6.96 -26.01 13.21
N LEU A 484 6.16 -25.43 12.31
CA LEU A 484 5.03 -24.59 12.64
C LEU A 484 3.89 -25.38 13.35
N ASP A 485 3.71 -26.67 12.96
CA ASP A 485 2.65 -27.52 13.52
C ASP A 485 2.88 -27.72 15.01
N GLU A 486 4.11 -27.50 15.49
CA GLU A 486 4.38 -27.64 16.92
C GLU A 486 4.27 -26.31 17.68
N LEU A 487 3.92 -25.18 17.02
CA LEU A 487 3.89 -23.86 17.65
C LEU A 487 2.42 -23.42 17.79
N GLN A 488 2.16 -22.55 18.76
CA GLN A 488 0.84 -22.02 19.01
C GLN A 488 0.83 -20.53 18.73
N THR A 489 0.68 -20.20 17.44
CA THR A 489 0.49 -18.85 16.92
C THR A 489 -0.59 -18.05 17.68
N GLU A 490 -1.70 -18.72 18.05
CA GLU A 490 -2.87 -18.08 18.63
C GLU A 490 -2.55 -17.65 20.09
N ASN A 491 -1.46 -18.10 20.70
CA ASN A 491 -1.08 -17.62 22.04
C ASN A 491 0.18 -16.76 22.00
N GLY A 492 0.47 -16.08 20.88
CA GLY A 492 1.62 -15.17 20.76
C GLY A 492 2.97 -15.84 20.49
N GLU A 493 3.03 -17.18 20.25
CA GLU A 493 4.30 -17.80 19.89
C GLU A 493 4.63 -17.44 18.42
N GLU A 494 5.94 -17.29 18.10
CA GLU A 494 6.40 -16.85 16.78
C GLU A 494 7.57 -17.73 16.38
N TRP A 495 7.66 -17.95 15.04
CA TRP A 495 8.80 -18.59 14.38
C TRP A 495 9.66 -17.54 13.68
N TRP A 496 10.95 -17.53 14.09
CA TRP A 496 11.98 -16.73 13.44
C TRP A 496 13.08 -17.65 12.92
N THR A 497 14.01 -17.14 12.07
CA THR A 497 15.13 -17.95 11.54
C THR A 497 16.43 -17.15 11.63
N TYR A 498 17.56 -17.88 11.60
CA TYR A 498 18.87 -17.26 11.49
C TYR A 498 19.73 -18.03 10.51
N ILE A 499 20.77 -17.32 10.02
CA ILE A 499 21.83 -17.89 9.18
C ILE A 499 23.18 -17.54 9.78
N CYS A 500 24.15 -18.42 9.51
CA CYS A 500 25.46 -18.34 10.11
C CYS A 500 26.49 -19.05 9.20
N LEU A 501 27.38 -19.90 9.74
CA LEU A 501 28.39 -20.57 8.91
C LEU A 501 27.71 -21.51 7.94
N GLY A 502 26.46 -21.90 8.22
CA GLY A 502 25.59 -22.49 7.20
C GLY A 502 24.29 -21.74 7.12
N PRO A 503 23.54 -21.89 6.00
CA PRO A 503 23.90 -22.78 4.90
C PRO A 503 25.01 -22.21 3.99
N SER A 504 25.63 -23.10 3.25
CA SER A 504 26.65 -22.75 2.29
C SER A 504 26.11 -22.90 0.87
N ASP A 505 27.00 -22.60 -0.07
CA ASP A 505 26.78 -22.58 -1.49
C ASP A 505 26.01 -23.82 -1.90
N PRO A 506 25.01 -23.79 -2.80
CA PRO A 506 24.49 -22.57 -3.43
C PRO A 506 23.29 -21.86 -2.77
N HIS A 507 23.13 -22.01 -1.45
CA HIS A 507 22.07 -21.38 -0.66
C HIS A 507 22.32 -19.89 -0.44
N PRO A 508 21.29 -19.09 -0.14
CA PRO A 508 21.50 -17.67 0.23
C PRO A 508 22.24 -17.50 1.57
N ASN A 509 23.31 -16.68 1.57
CA ASN A 509 24.04 -16.34 2.79
C ASN A 509 24.88 -15.10 2.49
N TRP A 510 25.78 -14.74 3.40
CA TRP A 510 26.58 -13.54 3.33
C TRP A 510 28.05 -13.86 3.54
N HIS A 511 28.48 -15.02 3.02
CA HIS A 511 29.89 -15.39 3.01
C HIS A 511 30.61 -14.63 1.90
N LEU A 512 31.84 -14.10 2.17
CA LEU A 512 32.54 -13.44 1.07
C LEU A 512 32.74 -14.45 -0.08
N GLY A 513 32.53 -13.98 -1.32
CA GLY A 513 32.62 -14.77 -2.57
C GLY A 513 31.24 -15.08 -3.15
N MET A 514 30.20 -15.03 -2.28
CA MET A 514 28.85 -15.25 -2.75
C MET A 514 28.41 -14.06 -3.59
N ARG A 515 27.70 -14.43 -4.67
CA ARG A 515 27.25 -13.48 -5.69
C ARG A 515 26.16 -12.56 -5.16
N GLY A 516 25.89 -11.47 -5.87
CA GLY A 516 24.99 -10.46 -5.37
C GLY A 516 23.56 -10.96 -5.18
N THR A 517 22.99 -11.63 -6.17
CA THR A 517 21.61 -12.10 -6.03
C THR A 517 21.53 -13.11 -4.88
N GLN A 518 22.58 -13.93 -4.70
CA GLN A 518 22.64 -14.94 -3.62
C GLN A 518 22.57 -14.28 -2.26
N GLN A 519 23.13 -13.05 -2.14
CA GLN A 519 23.11 -12.27 -0.90
C GLN A 519 21.70 -11.70 -0.60
N ARG A 520 21.12 -11.16 -1.66
CA ARG A 520 19.76 -10.60 -1.66
C ARG A 520 18.63 -11.64 -1.47
N ALA A 521 18.87 -12.88 -1.94
CA ALA A 521 17.96 -14.01 -1.79
C ALA A 521 17.77 -14.47 -0.33
N VAL A 522 18.63 -14.05 0.63
CA VAL A 522 18.38 -14.36 2.04
C VAL A 522 16.97 -13.93 2.46
N MET A 523 16.55 -12.73 2.08
CA MET A 523 15.26 -12.17 2.48
C MET A 523 14.11 -12.62 1.56
N TRP A 524 14.41 -13.02 0.29
CA TRP A 524 13.38 -13.67 -0.55
C TRP A 524 12.91 -15.00 0.08
N ARG A 525 13.88 -15.80 0.55
CA ARG A 525 13.63 -17.02 1.30
C ARG A 525 12.91 -16.70 2.61
N VAL A 526 13.39 -15.79 3.42
CA VAL A 526 12.70 -15.41 4.66
C VAL A 526 11.22 -15.04 4.38
N TRP A 527 11.00 -14.23 3.34
CA TRP A 527 9.66 -13.87 2.92
C TRP A 527 8.81 -15.11 2.53
N LYS A 528 9.37 -15.94 1.66
CA LYS A 528 8.58 -17.06 1.16
C LYS A 528 8.21 -18.00 2.31
N GLU A 529 9.14 -18.24 3.26
CA GLU A 529 8.88 -19.30 4.23
C GLU A 529 7.91 -18.91 5.38
N GLY A 530 7.77 -17.59 5.66
CA GLY A 530 6.66 -17.01 6.43
C GLY A 530 6.94 -16.82 7.92
N GLY A 531 8.18 -17.01 8.34
CA GLY A 531 8.63 -16.51 9.64
C GLY A 531 8.35 -15.02 9.84
N THR A 532 8.24 -14.64 11.12
CA THR A 532 7.84 -13.29 11.48
C THR A 532 9.00 -12.44 12.06
N GLY A 533 10.23 -12.98 12.06
CA GLY A 533 11.40 -12.15 12.17
C GLY A 533 12.65 -12.95 11.79
N PHE A 534 13.82 -12.31 12.03
CA PHE A 534 15.11 -12.80 11.57
C PHE A 534 16.20 -12.33 12.52
N LEU A 535 17.23 -13.13 12.70
CA LEU A 535 18.38 -12.77 13.56
C LEU A 535 19.68 -13.16 12.87
N TYR A 536 20.66 -12.24 12.96
CA TYR A 536 22.04 -12.47 12.57
C TYR A 536 22.97 -12.20 13.74
N TRP A 537 23.77 -13.21 14.07
CA TRP A 537 24.49 -13.28 15.32
C TRP A 537 25.51 -12.15 15.49
N GLY A 538 26.09 -11.66 14.38
CA GLY A 538 27.25 -10.76 14.44
C GLY A 538 27.35 -9.85 13.23
N ALA A 539 27.67 -8.56 13.43
CA ALA A 539 27.96 -7.66 12.30
C ALA A 539 29.39 -7.13 12.28
N ASN A 540 30.11 -7.27 13.40
CA ASN A 540 31.45 -6.72 13.52
C ASN A 540 32.36 -7.76 14.11
N CYS A 541 32.11 -9.05 13.80
CA CYS A 541 32.77 -10.09 14.56
C CYS A 541 34.06 -10.49 13.86
N TYR A 542 34.97 -9.52 13.84
CA TYR A 542 36.34 -9.71 13.40
C TYR A 542 37.18 -10.49 14.42
N GLU A 543 38.37 -10.88 14.01
CA GLU A 543 39.41 -11.31 14.94
C GLU A 543 39.80 -10.07 15.74
N LYS A 544 40.40 -10.36 16.89
CA LYS A 544 40.81 -9.36 17.87
C LYS A 544 41.87 -8.39 17.30
N ALA A 545 41.71 -7.07 17.55
CA ALA A 545 42.71 -6.06 17.25
C ALA A 545 42.57 -4.95 18.30
N THR A 546 43.61 -4.13 18.47
CA THR A 546 43.77 -3.13 19.53
C THR A 546 43.96 -1.73 18.95
N VAL A 547 43.82 -1.57 17.62
CA VAL A 547 43.90 -0.25 16.98
C VAL A 547 42.75 -0.09 15.97
N PRO A 548 42.07 1.09 15.94
CA PRO A 548 41.00 1.29 14.96
C PRO A 548 41.26 0.93 13.46
N SER A 549 42.45 1.20 12.96
CA SER A 549 42.79 1.07 11.57
C SER A 549 43.52 -0.24 11.33
N ALA A 550 43.67 -1.06 12.37
CA ALA A 550 44.29 -2.36 12.18
C ALA A 550 43.59 -3.20 11.10
N GLU A 551 44.38 -4.00 10.39
CA GLU A 551 43.89 -4.93 9.39
C GLU A 551 42.68 -5.69 9.94
N VAL A 552 41.65 -5.82 9.07
CA VAL A 552 40.51 -6.69 9.40
C VAL A 552 40.90 -8.12 9.05
N LYS A 553 41.02 -8.95 10.08
CA LYS A 553 41.22 -10.38 9.93
C LYS A 553 39.93 -11.12 10.33
N PHE A 554 39.78 -12.28 9.72
CA PHE A 554 38.58 -13.06 9.84
C PHE A 554 38.82 -14.26 10.75
N ARG A 555 37.84 -14.64 11.57
CA ARG A 555 38.10 -15.64 12.61
C ARG A 555 38.32 -17.02 11.97
N ARG A 556 39.06 -17.85 12.68
CA ARG A 556 39.41 -19.19 12.27
C ARG A 556 38.18 -20.05 12.40
N GLY A 557 38.02 -20.96 11.43
CA GLY A 557 37.04 -22.05 11.46
C GLY A 557 35.68 -21.61 10.91
N LEU A 558 35.56 -20.33 10.49
CA LEU A 558 34.29 -19.78 10.02
C LEU A 558 34.55 -19.34 8.60
N PRO A 559 33.55 -19.41 7.70
CA PRO A 559 33.70 -18.83 6.37
C PRO A 559 33.90 -17.30 6.41
N PRO A 560 34.99 -16.77 5.79
CA PRO A 560 35.21 -15.34 5.88
C PRO A 560 33.96 -14.54 5.42
N GLY A 561 33.52 -13.59 6.29
CA GLY A 561 32.38 -12.72 6.05
C GLY A 561 31.26 -13.04 7.02
N ASP A 562 31.20 -14.30 7.43
CA ASP A 562 30.24 -14.71 8.47
C ASP A 562 30.50 -13.85 9.72
N GLY A 563 29.47 -13.16 10.21
CA GLY A 563 29.59 -12.30 11.38
C GLY A 563 30.12 -10.90 11.08
N VAL A 564 30.36 -10.55 9.80
CA VAL A 564 31.02 -9.28 9.43
C VAL A 564 30.28 -8.63 8.29
N LEU A 565 29.43 -7.65 8.66
CA LEU A 565 28.62 -6.94 7.68
C LEU A 565 29.09 -5.51 7.46
N TYR A 566 29.92 -4.99 8.39
CA TYR A 566 30.51 -3.68 8.19
C TYR A 566 31.94 -3.66 8.76
N TYR A 567 32.70 -2.63 8.31
CA TYR A 567 34.12 -2.48 8.57
C TYR A 567 34.34 -1.15 9.31
N PRO A 568 35.44 -1.02 10.13
CA PRO A 568 35.87 0.27 10.68
C PRO A 568 36.19 1.25 9.55
N GLY A 569 35.62 2.46 9.62
CA GLY A 569 35.98 3.54 8.70
C GLY A 569 37.48 3.85 8.65
N GLU A 570 38.19 3.63 9.78
CA GLU A 570 39.53 4.13 9.95
C GLU A 570 40.43 3.18 9.13
N VAL A 571 39.88 2.03 8.71
CA VAL A 571 40.70 1.12 7.92
C VAL A 571 40.88 1.73 6.53
N PHE A 572 39.85 2.48 6.02
CA PHE A 572 39.80 2.93 4.63
C PHE A 572 39.94 4.43 4.48
N SER A 573 39.86 5.21 5.57
CA SER A 573 40.08 6.65 5.53
C SER A 573 40.32 7.16 6.95
N SER A 574 40.20 8.47 7.16
CA SER A 574 40.34 8.98 8.51
C SER A 574 39.00 9.11 9.23
N SER A 575 37.90 8.78 8.57
CA SER A 575 36.58 8.86 9.17
C SER A 575 36.38 7.81 10.26
N SER A 576 35.58 8.20 11.25
CA SER A 576 35.11 7.28 12.30
C SER A 576 33.79 6.55 11.93
N GLU A 577 33.10 7.02 10.90
CA GLU A 577 31.87 6.43 10.39
C GLU A 577 32.13 5.06 9.78
N PRO A 578 31.32 4.02 10.17
CA PRO A 578 31.47 2.66 9.65
C PRO A 578 31.38 2.59 8.13
N VAL A 579 32.07 1.58 7.59
CA VAL A 579 32.03 1.35 6.15
C VAL A 579 31.12 0.13 5.87
N ALA A 580 30.07 0.33 5.08
CA ALA A 580 29.20 -0.84 4.79
C ALA A 580 29.86 -1.85 3.86
N SER A 581 29.45 -3.13 3.99
CA SER A 581 29.73 -4.12 2.97
C SER A 581 28.63 -4.15 1.91
N LEU A 582 28.98 -4.64 0.68
CA LEU A 582 27.97 -4.99 -0.28
C LEU A 582 26.90 -5.90 0.35
N ARG A 583 27.29 -6.82 1.23
CA ARG A 583 26.39 -7.78 1.85
C ARG A 583 25.34 -7.05 2.70
N LEU A 584 25.73 -5.97 3.38
CA LEU A 584 24.80 -5.15 4.18
C LEU A 584 23.85 -4.32 3.30
N GLU A 585 24.40 -3.85 2.19
CA GLU A 585 23.54 -3.20 1.18
C GLU A 585 22.50 -4.15 0.56
N ARG A 586 22.82 -5.42 0.31
CA ARG A 586 21.92 -6.38 -0.27
C ARG A 586 20.94 -6.94 0.78
N LEU A 587 21.34 -7.02 2.04
CA LEU A 587 20.39 -7.14 3.15
C LEU A 587 19.33 -6.04 3.14
N LEU A 588 19.73 -4.75 3.07
CA LEU A 588 18.75 -3.67 3.00
C LEU A 588 17.83 -3.77 1.78
N SER A 589 18.40 -4.00 0.62
CA SER A 589 17.60 -4.15 -0.59
C SER A 589 16.61 -5.31 -0.46
N GLY A 590 17.03 -6.47 0.10
CA GLY A 590 16.17 -7.59 0.41
C GLY A 590 15.02 -7.24 1.37
N LEU A 591 15.28 -6.35 2.32
CA LEU A 591 14.29 -5.91 3.29
C LEU A 591 13.34 -4.96 2.60
N GLN A 592 13.79 -4.18 1.65
CA GLN A 592 12.94 -3.38 0.77
C GLN A 592 12.05 -4.25 -0.12
N ASP A 593 12.60 -5.36 -0.65
CA ASP A 593 11.83 -6.29 -1.44
C ASP A 593 10.74 -6.94 -0.59
N TYR A 594 11.05 -7.37 0.63
CA TYR A 594 10.03 -7.87 1.53
C TYR A 594 8.81 -6.92 1.66
N GLU A 595 9.04 -5.63 1.77
CA GLU A 595 8.01 -4.63 1.93
C GLU A 595 7.19 -4.54 0.67
N TYR A 596 7.83 -4.60 -0.52
CA TYR A 596 7.08 -4.71 -1.77
C TYR A 596 6.16 -5.94 -1.83
N LEU A 597 6.69 -7.10 -1.51
CA LEU A 597 5.93 -8.32 -1.56
C LEU A 597 4.82 -8.30 -0.51
N LYS A 598 5.05 -7.70 0.68
CA LYS A 598 3.99 -7.55 1.71
C LYS A 598 2.85 -6.62 1.25
N LEU A 599 3.18 -5.58 0.51
CA LEU A 599 2.22 -4.70 -0.14
C LEU A 599 1.39 -5.48 -1.17
N TYR A 600 2.05 -6.17 -2.10
CA TYR A 600 1.36 -6.97 -3.09
C TYR A 600 0.43 -7.99 -2.44
N GLU A 601 0.89 -8.69 -1.41
CA GLU A 601 0.07 -9.61 -0.64
C GLU A 601 -1.15 -8.97 0.02
N SER A 602 -1.02 -7.72 0.50
CA SER A 602 -2.10 -7.11 1.28
C SER A 602 -3.23 -6.80 0.31
N LYS A 603 -2.91 -6.63 -1.00
CA LYS A 603 -3.88 -6.30 -2.04
C LYS A 603 -4.43 -7.52 -2.78
N TYR A 604 -3.64 -8.60 -3.06
CA TYR A 604 -4.02 -9.74 -3.91
C TYR A 604 -3.88 -11.07 -3.21
N GLY A 605 -3.51 -11.08 -1.92
CA GLY A 605 -3.47 -12.36 -1.22
C GLY A 605 -2.17 -13.16 -1.40
N ARG A 606 -2.02 -14.15 -0.48
CA ARG A 606 -0.82 -14.93 -0.26
C ARG A 606 -0.42 -15.70 -1.52
N GLU A 607 -1.40 -16.32 -2.20
CA GLU A 607 -1.13 -17.23 -3.31
C GLU A 607 -0.66 -16.44 -4.52
N GLU A 608 -1.30 -15.31 -4.78
CA GLU A 608 -0.84 -14.44 -5.85
C GLU A 608 0.61 -13.90 -5.58
N ALA A 609 0.94 -13.46 -4.34
CA ALA A 609 2.28 -12.93 -4.08
C ALA A 609 3.38 -14.01 -4.20
N MET A 610 3.11 -15.25 -3.76
CA MET A 610 3.97 -16.43 -3.96
C MET A 610 4.17 -16.74 -5.44
N GLY A 611 3.06 -16.66 -6.18
CA GLY A 611 3.05 -16.73 -7.64
C GLY A 611 3.94 -15.65 -8.29
N LEU A 612 3.87 -14.39 -7.87
CA LEU A 612 4.70 -13.32 -8.43
C LEU A 612 6.21 -13.61 -8.24
N LEU A 613 6.59 -14.04 -7.02
CA LEU A 613 8.00 -14.31 -6.68
C LEU A 613 8.59 -15.37 -7.62
N GLU A 614 7.82 -16.45 -7.86
CA GLU A 614 8.30 -17.57 -8.67
C GLU A 614 8.18 -17.30 -10.18
N LYS A 615 7.03 -16.85 -10.65
CA LYS A 615 6.79 -16.67 -12.09
C LYS A 615 7.71 -15.61 -12.71
N THR A 616 8.11 -14.53 -11.98
CA THR A 616 9.17 -13.58 -12.39
C THR A 616 10.54 -14.24 -12.54
N GLY A 617 10.77 -15.40 -11.95
CA GLY A 617 12.10 -15.99 -11.88
C GLY A 617 12.97 -15.48 -10.70
N VAL A 618 12.44 -14.64 -9.81
CA VAL A 618 13.23 -14.11 -8.73
C VAL A 618 13.70 -15.23 -7.81
N TYR A 619 12.82 -16.13 -7.38
CA TYR A 619 13.15 -17.09 -6.34
C TYR A 619 12.15 -18.23 -6.43
N THR A 620 12.71 -19.43 -6.58
CA THR A 620 11.94 -20.68 -6.72
C THR A 620 12.14 -21.56 -5.51
N GLY A 621 13.35 -21.58 -4.96
CA GLY A 621 13.71 -22.43 -3.82
C GLY A 621 15.14 -22.14 -3.39
N PRO A 622 15.62 -22.75 -2.29
CA PRO A 622 16.89 -22.37 -1.71
C PRO A 622 18.09 -22.57 -2.63
N GLU A 623 17.96 -23.45 -3.63
CA GLU A 623 19.04 -23.72 -4.56
C GLU A 623 18.67 -23.18 -5.93
N ARG A 624 17.57 -22.39 -6.11
CA ARG A 624 17.15 -21.93 -7.43
C ARG A 624 16.52 -20.53 -7.36
N TYR A 625 17.31 -19.52 -7.75
CA TYR A 625 16.91 -18.13 -7.68
C TYR A 625 17.64 -17.46 -8.85
N THR A 626 17.21 -16.25 -9.18
CA THR A 626 17.77 -15.54 -10.32
C THR A 626 19.26 -15.25 -10.16
N LEU A 627 19.97 -15.40 -11.32
CA LEU A 627 21.38 -15.16 -11.42
C LEU A 627 21.57 -13.78 -12.05
N GLU A 628 20.49 -13.13 -12.43
CA GLU A 628 20.59 -11.84 -13.10
C GLU A 628 19.67 -10.82 -12.45
N HIS A 629 19.89 -9.56 -12.80
CA HIS A 629 19.12 -8.46 -12.23
C HIS A 629 17.67 -8.41 -12.74
N ARG A 630 17.46 -8.63 -14.05
CA ARG A 630 16.24 -8.19 -14.76
C ARG A 630 14.99 -8.75 -14.04
N PRO A 631 14.88 -10.05 -13.70
CA PRO A 631 13.71 -10.51 -12.94
C PRO A 631 13.28 -9.64 -11.73
N ILE A 632 14.25 -9.02 -11.06
CA ILE A 632 14.01 -8.24 -9.84
C ILE A 632 13.25 -6.98 -10.24
N ASP A 633 13.69 -6.32 -11.29
CA ASP A 633 12.95 -5.18 -11.83
C ASP A 633 11.58 -5.54 -12.39
N VAL A 634 11.41 -6.76 -12.95
CA VAL A 634 10.14 -7.22 -13.43
C VAL A 634 9.16 -7.26 -12.25
N LEU A 635 9.64 -7.75 -11.11
CA LEU A 635 8.81 -7.92 -9.93
C LEU A 635 8.44 -6.56 -9.31
N ARG A 636 9.43 -5.69 -9.12
CA ARG A 636 9.17 -4.44 -8.46
C ARG A 636 8.33 -3.57 -9.38
N GLY A 637 8.56 -3.66 -10.70
CA GLY A 637 7.73 -2.98 -11.68
C GLY A 637 6.25 -3.46 -11.68
N GLU A 638 6.00 -4.77 -11.51
CA GLU A 638 4.60 -5.26 -11.41
C GLU A 638 3.95 -4.76 -10.11
N VAL A 639 4.72 -4.63 -9.01
CA VAL A 639 4.16 -4.10 -7.78
C VAL A 639 3.74 -2.65 -8.02
N TYR A 640 4.53 -1.87 -8.74
CA TYR A 640 4.21 -0.48 -9.03
C TYR A 640 2.97 -0.37 -9.93
N ASN A 641 2.89 -1.22 -10.98
CA ASN A 641 1.82 -1.20 -11.97
C ASN A 641 0.48 -1.45 -11.29
N THR A 642 0.44 -2.27 -10.22
CA THR A 642 -0.80 -2.86 -9.73
C THR A 642 -1.20 -2.34 -8.34
N CYS A 643 -0.28 -1.65 -7.63
CA CYS A 643 -0.46 -1.49 -6.21
C CYS A 643 -0.41 -0.01 -5.83
N ARG A 644 -0.49 0.89 -6.82
CA ARG A 644 -0.64 2.32 -6.54
C ARG A 644 -2.03 2.59 -5.96
N PRO A 645 -2.26 3.74 -5.27
CA PRO A 645 -3.60 4.12 -4.79
C PRO A 645 -4.45 4.78 -5.89
N THR B 13 -41.48 -5.35 -45.45
CA THR B 13 -40.88 -5.59 -46.78
C THR B 13 -41.51 -6.85 -47.36
N VAL B 14 -41.37 -7.98 -46.59
CA VAL B 14 -41.15 -9.36 -47.07
C VAL B 14 -42.46 -10.12 -47.20
N PRO B 15 -42.56 -11.07 -48.17
CA PRO B 15 -43.83 -11.75 -48.44
C PRO B 15 -44.23 -12.78 -47.38
N VAL B 16 -45.46 -13.25 -47.51
CA VAL B 16 -46.15 -14.15 -46.61
C VAL B 16 -45.27 -15.40 -46.39
N GLU B 17 -44.66 -15.93 -47.46
CA GLU B 17 -43.95 -17.19 -47.47
C GLU B 17 -42.48 -17.03 -47.07
N GLY B 18 -42.11 -15.79 -46.75
CA GLY B 18 -40.74 -15.38 -46.40
C GLY B 18 -39.78 -15.31 -47.59
N VAL B 19 -38.62 -14.70 -47.36
CA VAL B 19 -37.53 -14.68 -48.31
C VAL B 19 -37.13 -16.13 -48.63
N ALA B 20 -37.06 -16.43 -49.95
CA ALA B 20 -36.67 -17.71 -50.53
C ALA B 20 -37.44 -18.91 -49.91
N GLY B 21 -38.71 -18.64 -49.49
CA GLY B 21 -39.63 -19.62 -48.90
C GLY B 21 -39.24 -20.15 -47.51
N GLY B 22 -38.55 -19.32 -46.69
CA GLY B 22 -38.14 -19.61 -45.32
C GLY B 22 -39.30 -19.65 -44.33
N GLY B 23 -40.46 -19.12 -44.73
CA GLY B 23 -41.65 -19.21 -43.92
C GLY B 23 -41.96 -17.88 -43.25
N THR B 24 -43.03 -17.82 -42.46
CA THR B 24 -43.43 -16.57 -41.85
C THR B 24 -42.25 -15.79 -41.23
N ALA B 25 -42.11 -14.54 -41.72
CA ALA B 25 -41.27 -13.46 -41.22
C ALA B 25 -39.79 -13.78 -41.41
N TYR B 26 -39.45 -14.69 -42.35
CA TYR B 26 -38.05 -14.97 -42.61
C TYR B 26 -37.44 -13.95 -43.59
N GLY B 27 -36.28 -13.42 -43.22
CA GLY B 27 -35.54 -12.48 -44.03
C GLY B 27 -35.80 -11.02 -43.66
N PHE B 28 -36.36 -10.73 -42.48
CA PHE B 28 -36.54 -9.34 -42.06
C PHE B 28 -35.23 -8.76 -41.50
N ASN B 29 -34.15 -9.54 -41.33
CA ASN B 29 -32.86 -9.01 -40.88
C ASN B 29 -32.30 -8.11 -41.98
N ASP B 30 -32.10 -6.81 -41.67
CA ASP B 30 -31.41 -5.93 -42.60
C ASP B 30 -29.90 -6.02 -42.35
N ALA B 31 -29.45 -6.64 -41.22
CA ALA B 31 -28.02 -6.88 -40.99
C ALA B 31 -27.40 -7.32 -42.32
N GLU B 32 -26.26 -6.70 -42.72
CA GLU B 32 -25.60 -7.05 -43.98
C GLU B 32 -24.92 -8.39 -43.71
N PRO B 33 -24.57 -9.23 -44.72
CA PRO B 33 -24.19 -10.60 -44.39
C PRO B 33 -22.93 -10.60 -43.53
N LEU B 34 -22.77 -11.71 -42.83
CA LEU B 34 -21.55 -12.03 -42.10
C LEU B 34 -20.48 -12.43 -43.12
N LYS B 35 -19.21 -12.46 -42.65
CA LYS B 35 -18.15 -13.07 -43.42
C LYS B 35 -18.19 -14.59 -43.23
N GLN B 36 -17.73 -15.30 -44.25
CA GLN B 36 -17.66 -16.76 -44.22
C GLN B 36 -16.52 -17.29 -43.37
N SER B 37 -15.51 -16.47 -43.10
CA SER B 37 -14.46 -16.86 -42.17
C SER B 37 -14.85 -16.45 -40.74
N THR B 38 -14.39 -17.24 -39.75
CA THR B 38 -14.47 -16.88 -38.32
C THR B 38 -13.07 -16.74 -37.71
N ASP B 39 -12.01 -16.75 -38.51
CA ASP B 39 -10.64 -16.67 -38.02
C ASP B 39 -10.32 -15.23 -37.62
N PRO B 40 -10.12 -14.94 -36.31
CA PRO B 40 -9.90 -13.56 -35.84
C PRO B 40 -8.53 -12.95 -36.15
N SER B 41 -7.58 -13.79 -36.57
CA SER B 41 -6.36 -13.32 -37.23
C SER B 41 -6.58 -12.83 -38.67
N GLU B 42 -7.81 -12.89 -39.25
CA GLU B 42 -8.08 -12.42 -40.61
C GLU B 42 -9.33 -11.56 -40.71
N VAL B 43 -10.25 -11.68 -39.75
CA VAL B 43 -11.56 -11.04 -39.84
C VAL B 43 -11.56 -9.87 -38.88
N PRO B 44 -11.96 -8.64 -39.29
CA PRO B 44 -12.12 -7.49 -38.37
C PRO B 44 -13.04 -7.79 -37.16
N THR B 45 -12.59 -7.40 -35.94
CA THR B 45 -13.31 -7.63 -34.70
C THR B 45 -14.78 -7.20 -34.82
N ALA B 46 -15.07 -6.04 -35.48
CA ALA B 46 -16.42 -5.49 -35.67
C ALA B 46 -17.32 -6.45 -36.44
N ASP B 47 -16.75 -7.39 -37.21
CA ASP B 47 -17.58 -8.36 -37.93
C ASP B 47 -17.84 -9.64 -37.13
N LEU B 48 -17.13 -9.79 -36.02
CA LEU B 48 -17.25 -10.92 -35.10
C LEU B 48 -18.09 -10.57 -33.85
N VAL B 49 -18.14 -9.27 -33.49
CA VAL B 49 -18.75 -8.79 -32.24
C VAL B 49 -19.46 -7.47 -32.49
N ASN B 50 -20.71 -7.33 -32.01
CA ASN B 50 -21.37 -6.02 -31.87
C ASN B 50 -20.81 -5.32 -30.62
N VAL B 51 -20.49 -4.01 -30.73
CA VAL B 51 -19.91 -3.21 -29.65
C VAL B 51 -20.58 -1.84 -29.69
N TRP B 52 -21.07 -1.35 -28.53
CA TRP B 52 -21.72 -0.07 -28.54
C TRP B 52 -21.57 0.50 -27.14
N CYS B 53 -21.89 1.79 -26.98
CA CYS B 53 -21.83 2.44 -25.67
C CYS B 53 -23.22 2.74 -25.14
N MET B 54 -23.33 2.67 -23.80
CA MET B 54 -24.58 3.02 -23.18
C MET B 54 -24.30 4.06 -22.10
N PRO B 55 -25.30 4.86 -21.71
CA PRO B 55 -25.16 5.76 -20.55
C PRO B 55 -24.96 5.07 -19.19
N ASN B 56 -24.36 5.83 -18.26
CA ASN B 56 -24.08 5.36 -16.94
C ASN B 56 -25.34 5.09 -16.12
N THR B 57 -26.55 5.59 -16.49
CA THR B 57 -27.75 5.36 -15.70
C THR B 57 -28.58 4.18 -16.22
N VAL B 58 -28.11 3.43 -17.23
CA VAL B 58 -28.77 2.21 -17.65
C VAL B 58 -28.17 0.99 -16.91
N ASN B 59 -29.06 0.16 -16.32
CA ASN B 59 -28.71 -1.18 -15.88
C ASN B 59 -28.81 -2.09 -17.11
N VAL B 60 -27.67 -2.41 -17.77
CA VAL B 60 -27.63 -3.09 -19.05
C VAL B 60 -27.60 -4.62 -18.83
N GLY B 61 -28.74 -5.27 -19.07
CA GLY B 61 -28.90 -6.69 -18.88
C GLY B 61 -28.38 -7.47 -20.05
N SER B 62 -28.39 -8.77 -19.89
CA SER B 62 -27.76 -9.69 -20.82
C SER B 62 -28.51 -9.77 -22.17
N GLN B 63 -29.75 -9.26 -22.30
CA GLN B 63 -30.50 -9.24 -23.54
C GLN B 63 -30.67 -7.86 -24.16
N GLU B 64 -29.89 -6.89 -23.70
CA GLU B 64 -29.85 -5.62 -24.37
C GLU B 64 -29.37 -5.87 -25.79
N THR B 65 -30.14 -5.24 -26.71
CA THR B 65 -30.10 -5.35 -28.15
C THR B 65 -29.05 -4.40 -28.75
N PRO B 66 -28.17 -4.84 -29.69
CA PRO B 66 -27.16 -3.96 -30.26
C PRO B 66 -27.63 -2.66 -30.91
N ARG B 67 -26.83 -1.61 -30.76
CA ARG B 67 -26.96 -0.31 -31.39
C ARG B 67 -25.71 -0.04 -32.21
N ALA B 68 -25.80 0.94 -33.12
CA ALA B 68 -24.63 1.31 -33.92
C ALA B 68 -23.62 1.99 -32.99
N LEU B 69 -22.33 1.63 -33.13
CA LEU B 69 -21.26 2.31 -32.39
C LEU B 69 -21.13 3.79 -32.78
N GLU B 70 -20.96 4.68 -31.79
CA GLU B 70 -20.75 6.10 -32.00
C GLU B 70 -19.66 6.63 -31.07
N PRO B 71 -19.12 7.83 -31.33
CA PRO B 71 -18.22 8.47 -30.38
C PRO B 71 -18.89 8.85 -29.05
N ILE B 72 -18.10 8.71 -27.98
CA ILE B 72 -18.44 9.13 -26.63
C ILE B 72 -17.93 10.56 -26.44
N ASN B 73 -18.83 11.49 -26.07
CA ASN B 73 -18.60 12.89 -25.75
C ASN B 73 -19.05 13.12 -24.30
N LEU B 74 -18.09 13.32 -23.39
CA LEU B 74 -18.31 13.45 -21.96
C LEU B 74 -17.96 14.87 -21.48
N LEU B 75 -18.54 15.23 -20.34
CA LEU B 75 -18.23 16.43 -19.62
C LEU B 75 -17.91 16.08 -18.17
N ALA B 76 -16.84 16.66 -17.68
CA ALA B 76 -16.55 16.57 -16.27
C ALA B 76 -15.92 17.90 -15.81
N ALA B 77 -16.08 18.19 -14.51
CA ALA B 77 -15.39 19.22 -13.78
C ALA B 77 -14.17 18.60 -13.11
N ARG B 78 -13.35 19.45 -12.47
CA ARG B 78 -12.27 18.94 -11.64
C ARG B 78 -12.85 18.31 -10.36
N ASN B 79 -12.21 17.25 -9.89
CA ASN B 79 -12.61 16.49 -8.73
C ASN B 79 -13.99 15.81 -8.94
N GLU B 80 -14.32 15.38 -10.19
CA GLU B 80 -15.53 14.70 -10.66
C GLU B 80 -15.12 13.36 -11.30
N ARG B 81 -15.86 12.30 -10.99
CA ARG B 81 -15.86 11.06 -11.74
C ARG B 81 -16.99 11.09 -12.78
N GLU B 82 -16.67 10.86 -14.04
CA GLU B 82 -17.66 10.61 -15.08
C GLU B 82 -17.47 9.18 -15.62
N SER B 83 -18.54 8.59 -16.19
CA SER B 83 -18.64 7.19 -16.54
C SER B 83 -19.50 6.97 -17.77
N PHE B 84 -19.25 5.81 -18.38
CA PHE B 84 -20.12 5.29 -19.41
C PHE B 84 -19.95 3.78 -19.43
N GLN B 85 -20.80 3.06 -20.23
CA GLN B 85 -20.58 1.61 -20.36
C GLN B 85 -20.30 1.20 -21.81
N ILE B 86 -19.57 0.08 -21.93
CA ILE B 86 -19.34 -0.55 -23.20
C ILE B 86 -19.99 -1.92 -23.16
N ALA B 87 -20.88 -2.10 -24.11
CA ALA B 87 -21.65 -3.32 -24.29
C ALA B 87 -21.12 -4.07 -25.50
N MET B 88 -20.97 -5.39 -25.33
CA MET B 88 -20.44 -6.32 -26.32
C MET B 88 -21.34 -7.56 -26.42
N ARG B 89 -21.70 -7.92 -27.68
CA ARG B 89 -22.55 -9.08 -27.96
C ARG B 89 -21.99 -9.83 -29.18
N PRO B 90 -21.59 -11.11 -29.01
CA PRO B 90 -20.99 -11.90 -30.08
C PRO B 90 -21.96 -12.07 -31.22
N LYS B 91 -21.38 -12.12 -32.40
CA LYS B 91 -22.19 -12.35 -33.58
C LYS B 91 -22.03 -13.77 -34.13
N VAL B 92 -20.91 -14.40 -33.81
CA VAL B 92 -20.45 -15.70 -34.29
C VAL B 92 -19.53 -16.22 -33.20
N SER B 93 -19.06 -17.42 -33.36
CA SER B 93 -18.03 -18.04 -32.53
C SER B 93 -16.67 -17.93 -33.25
N TRP B 94 -15.66 -17.30 -32.61
CA TRP B 94 -14.35 -17.20 -33.25
C TRP B 94 -13.37 -18.16 -32.59
N ALA B 95 -13.81 -18.74 -31.46
CA ALA B 95 -13.14 -19.85 -30.81
C ALA B 95 -14.13 -21.03 -30.89
N ALA B 96 -14.09 -21.82 -31.99
CA ALA B 96 -15.08 -22.87 -32.28
C ALA B 96 -15.29 -23.83 -31.08
N SER B 97 -14.21 -24.15 -30.33
CA SER B 97 -14.27 -25.13 -29.26
C SER B 97 -14.81 -24.62 -27.92
N SER B 98 -14.57 -23.34 -27.61
CA SER B 98 -15.03 -22.65 -26.39
C SER B 98 -15.81 -21.40 -26.75
N PRO B 99 -17.06 -21.49 -27.28
CA PRO B 99 -17.76 -20.28 -27.78
C PRO B 99 -18.07 -19.26 -26.68
N SER B 100 -18.17 -17.95 -27.03
CA SER B 100 -18.01 -17.45 -28.39
C SER B 100 -16.53 -17.17 -28.69
N GLY B 101 -15.80 -16.72 -27.68
CA GLY B 101 -14.37 -16.50 -27.74
C GLY B 101 -13.98 -15.48 -26.69
N ILE B 102 -12.72 -15.04 -26.77
CA ILE B 102 -12.13 -14.05 -25.87
C ILE B 102 -11.82 -12.77 -26.64
N VAL B 103 -12.07 -11.63 -26.02
CA VAL B 103 -11.62 -10.35 -26.56
C VAL B 103 -10.62 -9.79 -25.55
N GLN B 104 -9.60 -9.10 -26.07
CA GLN B 104 -8.66 -8.32 -25.28
C GLN B 104 -9.11 -6.86 -25.35
N VAL B 105 -9.08 -6.17 -24.20
CA VAL B 105 -9.45 -4.78 -24.07
C VAL B 105 -8.20 -4.01 -23.63
N GLN B 106 -7.92 -2.89 -24.30
CA GLN B 106 -6.72 -2.10 -24.05
C GLN B 106 -7.15 -0.64 -23.97
N CYS B 107 -6.83 0.03 -22.86
CA CYS B 107 -7.03 1.46 -22.79
C CYS B 107 -5.65 2.19 -22.81
N SER B 108 -5.74 3.45 -23.25
CA SER B 108 -4.65 4.40 -23.43
C SER B 108 -5.01 5.71 -22.67
N ASP B 109 -3.95 6.47 -22.32
CA ASP B 109 -4.07 7.81 -21.72
C ASP B 109 -4.88 8.68 -22.64
N LEU B 110 -5.57 9.65 -22.06
CA LEU B 110 -6.32 10.67 -22.79
C LEU B 110 -5.49 11.96 -22.84
N CYS B 111 -5.41 12.64 -24.00
CA CYS B 111 -4.51 13.78 -24.21
C CYS B 111 -5.29 14.99 -24.73
N SER B 112 -5.01 16.20 -24.22
CA SER B 112 -5.51 17.45 -24.84
C SER B 112 -4.49 17.97 -25.84
N SER B 113 -4.93 18.97 -26.62
CA SER B 113 -4.07 19.62 -27.62
C SER B 113 -2.88 20.37 -26.99
N ALA B 114 -3.04 20.93 -25.78
CA ALA B 114 -1.92 21.45 -24.98
C ALA B 114 -0.97 20.37 -24.44
N GLY B 115 -1.25 19.06 -24.58
CA GLY B 115 -0.33 18.01 -24.12
C GLY B 115 -0.55 17.51 -22.67
N ASP B 116 -1.56 18.02 -21.96
CA ASP B 116 -2.01 17.41 -20.72
C ASP B 116 -2.58 15.99 -20.95
N ARG B 117 -2.41 15.13 -19.94
CA ARG B 117 -2.80 13.72 -19.93
C ARG B 117 -3.75 13.40 -18.77
N LEU B 118 -4.75 12.55 -19.02
CA LEU B 118 -5.42 11.74 -18.00
C LEU B 118 -4.93 10.31 -18.18
N VAL B 119 -4.38 9.75 -17.12
CA VAL B 119 -3.55 8.59 -17.16
C VAL B 119 -4.39 7.35 -16.84
N VAL B 120 -3.90 6.19 -17.27
CA VAL B 120 -4.52 4.91 -16.99
C VAL B 120 -4.46 4.55 -15.50
N GLY B 121 -3.32 4.48 -14.82
CA GLY B 121 -3.51 4.13 -13.41
C GLY B 121 -4.66 4.92 -12.74
N GLN B 122 -4.44 6.24 -12.67
CA GLN B 122 -4.93 7.14 -11.63
C GLN B 122 -6.29 7.71 -12.00
N SER B 123 -6.56 7.77 -13.27
CA SER B 123 -7.70 8.51 -13.74
C SER B 123 -8.73 7.55 -14.35
N LEU B 124 -8.33 6.73 -15.33
CA LEU B 124 -9.19 5.87 -16.15
C LEU B 124 -9.18 4.47 -15.57
N LYS B 125 -10.38 3.93 -15.22
CA LYS B 125 -10.49 2.56 -14.70
C LYS B 125 -11.56 1.78 -15.47
N LEU B 126 -11.40 0.45 -15.53
CA LEU B 126 -12.33 -0.42 -16.25
C LEU B 126 -12.79 -1.50 -15.29
N ARG B 127 -14.13 -1.69 -15.19
CA ARG B 127 -14.65 -2.79 -14.38
C ARG B 127 -15.76 -3.56 -15.13
N ARG B 128 -15.82 -4.86 -14.88
CA ARG B 128 -16.84 -5.70 -15.48
C ARG B 128 -18.10 -5.54 -14.66
N VAL B 129 -19.26 -5.40 -15.32
CA VAL B 129 -20.54 -5.40 -14.61
C VAL B 129 -21.14 -6.81 -14.45
N VAL B 130 -21.15 -7.31 -13.20
CA VAL B 130 -21.52 -8.68 -12.86
C VAL B 130 -22.92 -8.67 -12.21
N PRO B 131 -23.86 -9.60 -12.56
CA PRO B 131 -25.16 -9.63 -11.93
C PRO B 131 -25.14 -10.18 -10.51
N VAL B 132 -26.00 -9.62 -9.64
CA VAL B 132 -26.17 -10.18 -8.27
C VAL B 132 -27.65 -10.49 -8.14
N LEU B 133 -28.03 -11.73 -7.77
CA LEU B 133 -29.46 -12.11 -7.81
C LEU B 133 -30.07 -11.76 -9.20
N GLY B 134 -29.32 -11.91 -10.31
CA GLY B 134 -29.88 -11.75 -11.64
C GLY B 134 -29.95 -10.30 -12.14
N VAL B 135 -29.57 -9.30 -11.34
CA VAL B 135 -29.62 -7.88 -11.70
C VAL B 135 -28.18 -7.36 -11.88
N PRO B 136 -27.85 -6.66 -12.96
CA PRO B 136 -26.55 -5.95 -13.07
C PRO B 136 -26.22 -5.12 -11.81
N ASP B 137 -25.11 -5.45 -11.08
CA ASP B 137 -24.80 -4.67 -9.85
C ASP B 137 -23.34 -4.56 -9.42
N ALA B 138 -22.56 -5.64 -9.52
CA ALA B 138 -21.22 -5.61 -8.98
C ALA B 138 -20.18 -5.15 -10.02
N LEU B 139 -19.23 -4.27 -9.64
CA LEU B 139 -18.28 -3.72 -10.58
C LEU B 139 -16.88 -4.25 -10.24
N VAL B 140 -16.46 -5.31 -10.96
CA VAL B 140 -15.28 -6.12 -10.66
C VAL B 140 -14.07 -5.67 -11.51
N PRO B 141 -12.96 -5.16 -10.89
CA PRO B 141 -11.76 -4.70 -11.64
C PRO B 141 -11.25 -5.63 -12.72
N LEU B 142 -11.03 -5.03 -13.90
CA LEU B 142 -10.15 -5.61 -14.93
C LEU B 142 -8.68 -5.10 -14.76
N ASP B 143 -7.73 -5.90 -15.23
CA ASP B 143 -6.32 -5.55 -15.39
C ASP B 143 -6.17 -4.40 -16.37
N LEU B 144 -5.23 -3.55 -16.01
CA LEU B 144 -4.93 -2.35 -16.80
C LEU B 144 -3.44 -2.35 -17.18
N PRO B 145 -3.03 -1.83 -18.39
CA PRO B 145 -3.98 -1.34 -19.41
C PRO B 145 -4.67 -2.36 -20.32
N VAL B 146 -4.26 -3.62 -20.19
CA VAL B 146 -4.71 -4.71 -21.04
C VAL B 146 -5.40 -5.78 -20.18
N SER B 147 -6.65 -6.12 -20.57
CA SER B 147 -7.46 -7.18 -19.96
C SER B 147 -8.00 -8.15 -21.02
N GLN B 148 -8.46 -9.32 -20.53
CA GLN B 148 -9.20 -10.31 -21.30
C GLN B 148 -10.61 -10.50 -20.75
N LEU B 149 -11.57 -10.71 -21.66
CA LEU B 149 -12.98 -10.98 -21.35
C LEU B 149 -13.48 -12.18 -22.19
N SER B 150 -14.05 -13.21 -21.51
CA SER B 150 -14.77 -14.29 -22.19
C SER B 150 -16.16 -13.82 -22.61
N LEU B 151 -16.56 -14.07 -23.88
CA LEU B 151 -17.89 -13.71 -24.32
C LEU B 151 -18.60 -15.03 -24.63
N PHE B 152 -19.91 -15.04 -24.40
CA PHE B 152 -20.77 -16.22 -24.44
C PHE B 152 -21.93 -15.95 -25.38
N PRO B 153 -22.37 -17.01 -26.10
CA PRO B 153 -23.43 -16.84 -27.11
C PRO B 153 -24.81 -16.38 -26.57
N GLY B 154 -25.41 -15.45 -27.28
CA GLY B 154 -26.70 -14.87 -27.02
C GLY B 154 -26.68 -14.02 -25.77
N GLU B 155 -25.52 -13.45 -25.37
CA GLU B 155 -25.43 -12.59 -24.20
C GLU B 155 -24.62 -11.34 -24.45
N THR B 156 -25.16 -10.26 -23.89
CA THR B 156 -24.53 -8.97 -23.86
C THR B 156 -23.77 -8.85 -22.54
N SER B 157 -22.48 -8.59 -22.71
CA SER B 157 -21.53 -8.44 -21.64
C SER B 157 -21.03 -6.98 -21.58
N VAL B 158 -20.76 -6.46 -20.37
CA VAL B 158 -20.72 -5.03 -20.10
C VAL B 158 -19.52 -4.62 -19.22
N ILE B 159 -18.88 -3.54 -19.68
CA ILE B 159 -17.75 -2.92 -19.01
C ILE B 159 -18.15 -1.52 -18.56
N TRP B 160 -17.83 -1.22 -17.29
CA TRP B 160 -18.05 0.10 -16.74
C TRP B 160 -16.74 0.94 -16.89
N VAL B 161 -16.77 2.05 -17.68
CA VAL B 161 -15.62 2.94 -17.81
C VAL B 161 -15.79 4.18 -16.94
N SER B 162 -14.87 4.37 -16.00
CA SER B 162 -14.91 5.57 -15.16
C SER B 162 -13.61 6.38 -15.30
N ILE B 163 -13.76 7.73 -15.23
CA ILE B 163 -12.64 8.66 -15.35
C ILE B 163 -12.71 9.61 -14.18
N ASP B 164 -11.76 9.50 -13.22
CA ASP B 164 -11.56 10.44 -12.10
C ASP B 164 -10.67 11.64 -12.51
N VAL B 165 -11.26 12.82 -12.80
CA VAL B 165 -10.51 14.03 -13.04
C VAL B 165 -9.87 14.59 -11.74
N PRO B 166 -8.50 14.70 -11.62
CA PRO B 166 -7.88 15.31 -10.43
C PRO B 166 -8.32 16.76 -10.16
N THR B 167 -8.32 17.12 -8.87
CA THR B 167 -8.70 18.46 -8.41
C THR B 167 -7.89 19.51 -9.20
N GLY B 168 -6.57 19.25 -9.45
CA GLY B 168 -5.68 20.17 -10.14
C GLY B 168 -5.54 20.01 -11.66
N GLN B 169 -6.45 19.33 -12.35
CA GLN B 169 -6.35 19.13 -13.78
C GLN B 169 -6.61 20.40 -14.59
N PRO B 170 -5.75 20.68 -15.61
CA PRO B 170 -6.06 21.74 -16.58
C PRO B 170 -7.32 21.56 -17.44
N PRO B 171 -8.23 22.55 -17.46
CA PRO B 171 -9.33 22.49 -18.41
C PRO B 171 -8.84 22.17 -19.83
N GLY B 172 -9.73 21.75 -20.75
CA GLY B 172 -9.30 21.27 -22.05
C GLY B 172 -10.19 20.16 -22.64
N GLN B 173 -9.89 19.79 -23.88
CA GLN B 173 -10.60 18.76 -24.58
C GLN B 173 -9.70 17.53 -24.76
N TYR B 174 -9.87 16.52 -23.88
CA TYR B 174 -9.02 15.35 -23.85
C TYR B 174 -9.64 14.25 -24.72
N GLU B 175 -8.78 13.51 -25.44
CA GLU B 175 -9.16 12.52 -26.45
C GLU B 175 -8.33 11.24 -26.33
N GLY B 176 -8.95 10.12 -26.65
CA GLY B 176 -8.23 8.87 -26.69
C GLY B 176 -9.12 7.78 -27.25
N GLU B 177 -8.77 6.53 -26.88
CA GLU B 177 -9.33 5.32 -27.49
C GLU B 177 -9.28 4.17 -26.50
N ILE B 178 -10.32 3.33 -26.66
CA ILE B 178 -10.29 2.00 -26.08
C ILE B 178 -10.40 1.04 -27.26
N ILE B 179 -9.60 0.02 -27.18
CA ILE B 179 -9.36 -0.84 -28.32
C ILE B 179 -9.79 -2.22 -27.90
N ILE B 180 -10.72 -2.79 -28.71
CA ILE B 180 -11.20 -4.14 -28.44
C ILE B 180 -10.79 -5.09 -29.57
N SER B 181 -10.16 -6.23 -29.21
CA SER B 181 -9.54 -7.14 -30.17
C SER B 181 -10.00 -8.58 -29.92
N ALA B 182 -10.59 -9.22 -30.94
CA ALA B 182 -10.95 -10.62 -30.87
C ALA B 182 -9.67 -11.45 -30.86
N MET B 183 -9.52 -12.45 -29.96
CA MET B 183 -8.27 -13.17 -29.89
C MET B 183 -8.41 -14.58 -30.47
N LYS B 184 -7.24 -15.09 -30.90
CA LYS B 184 -7.08 -16.32 -31.65
C LYS B 184 -7.37 -17.53 -30.76
N THR B 185 -6.59 -17.73 -29.71
CA THR B 185 -6.93 -18.88 -28.88
C THR B 185 -7.33 -20.06 -29.80
N ASP B 259 -0.82 -6.15 -27.01
CA ASP B 259 -0.28 -7.53 -27.19
C ASP B 259 -0.72 -8.03 -28.59
N VAL B 260 -2.07 -8.12 -28.83
CA VAL B 260 -2.67 -8.68 -30.08
C VAL B 260 -3.33 -7.61 -30.96
N VAL B 261 -3.34 -6.35 -30.53
CA VAL B 261 -3.87 -5.21 -31.29
C VAL B 261 -3.24 -5.17 -32.71
N SER B 262 -4.09 -4.86 -33.72
CA SER B 262 -3.71 -4.77 -35.13
C SER B 262 -4.72 -3.91 -35.85
N ASN B 263 -4.66 -3.88 -37.20
CA ASN B 263 -5.63 -3.16 -38.00
C ASN B 263 -7.02 -3.82 -37.86
N LEU B 264 -7.10 -5.10 -37.49
CA LEU B 264 -8.39 -5.79 -37.32
C LEU B 264 -9.17 -5.28 -36.08
N SER B 265 -8.45 -4.68 -35.11
CA SER B 265 -9.02 -4.26 -33.82
C SER B 265 -10.04 -3.14 -34.00
N LEU B 266 -11.03 -3.11 -33.10
CA LEU B 266 -12.08 -2.09 -33.14
C LEU B 266 -11.68 -1.02 -32.11
N ARG B 267 -11.96 0.22 -32.50
CA ARG B 267 -11.48 1.41 -31.84
C ARG B 267 -12.70 2.24 -31.42
N ILE B 268 -12.81 2.51 -30.12
CA ILE B 268 -13.82 3.41 -29.59
C ILE B 268 -13.11 4.74 -29.26
N LYS B 269 -13.73 5.85 -29.69
CA LYS B 269 -13.24 7.21 -29.52
C LYS B 269 -13.94 7.88 -28.36
N LEU B 270 -13.11 8.36 -27.46
CA LEU B 270 -13.46 9.04 -26.22
C LEU B 270 -13.04 10.52 -26.34
N ARG B 271 -13.97 11.44 -26.17
CA ARG B 271 -13.72 12.88 -26.08
C ARG B 271 -14.31 13.36 -24.76
N LEU B 272 -13.47 13.90 -23.85
CA LEU B 272 -13.90 14.44 -22.56
C LEU B 272 -13.55 15.92 -22.37
N THR B 273 -14.55 16.78 -22.15
CA THR B 273 -14.31 18.19 -21.80
C THR B 273 -14.17 18.36 -20.29
N VAL B 274 -12.95 18.62 -19.79
CA VAL B 274 -12.76 19.09 -18.42
C VAL B 274 -12.98 20.62 -18.35
N TRP B 275 -14.01 21.08 -17.59
CA TRP B 275 -14.36 22.51 -17.47
C TRP B 275 -13.88 23.04 -16.11
N GLU B 276 -14.17 24.34 -15.89
CA GLU B 276 -13.51 25.21 -14.91
C GLU B 276 -13.88 24.79 -13.49
N PHE B 277 -15.19 24.51 -13.27
CA PHE B 277 -15.66 24.13 -11.93
C PHE B 277 -14.69 23.16 -11.26
N ILE B 278 -14.40 23.43 -9.98
CA ILE B 278 -13.86 22.43 -9.10
C ILE B 278 -14.92 22.01 -8.07
N ILE B 279 -15.19 20.68 -7.98
CA ILE B 279 -16.18 20.16 -7.05
C ILE B 279 -15.58 20.24 -5.65
N PRO B 280 -16.23 20.90 -4.65
CA PRO B 280 -15.57 21.16 -3.37
C PRO B 280 -14.90 19.88 -2.96
N VAL B 281 -13.67 19.98 -2.48
CA VAL B 281 -13.02 18.87 -1.82
C VAL B 281 -13.87 18.34 -0.65
N THR B 282 -14.50 19.25 0.13
CA THR B 282 -15.27 18.86 1.30
C THR B 282 -16.71 18.73 0.80
N PRO B 283 -17.35 17.51 0.77
CA PRO B 283 -18.73 17.40 0.29
C PRO B 283 -19.61 18.46 0.99
N SER B 284 -20.48 19.16 0.21
CA SER B 284 -21.38 20.19 0.70
C SER B 284 -22.59 19.61 1.47
N LEU B 285 -22.89 18.34 1.23
CA LEU B 285 -23.90 17.62 2.00
C LEU B 285 -23.23 16.45 2.70
N PRO B 286 -23.21 16.43 4.06
CA PRO B 286 -22.70 15.28 4.78
C PRO B 286 -23.69 14.11 4.58
N ALA B 287 -23.20 13.10 3.86
CA ALA B 287 -23.89 11.85 3.70
C ALA B 287 -23.18 10.83 4.56
N VAL B 288 -23.75 10.43 5.73
CA VAL B 288 -23.05 9.53 6.65
C VAL B 288 -23.55 8.10 6.44
N ILE B 289 -22.60 7.17 6.31
CA ILE B 289 -22.91 5.82 5.92
C ILE B 289 -22.35 4.87 6.97
N GLY B 290 -23.20 4.01 7.54
CA GLY B 290 -22.78 3.01 8.54
C GLY B 290 -22.18 1.75 7.86
N VAL B 291 -21.26 1.14 8.60
CA VAL B 291 -20.48 -0.01 8.25
C VAL B 291 -20.52 -0.94 9.48
N SER B 292 -21.11 -2.13 9.35
CA SER B 292 -21.22 -3.01 10.50
C SER B 292 -19.83 -3.55 10.84
N ASP B 293 -19.40 -3.35 12.11
CA ASP B 293 -18.16 -3.95 12.59
C ASP B 293 -18.29 -5.43 12.87
N THR B 294 -19.46 -5.91 13.34
CA THR B 294 -19.65 -7.35 13.52
C THR B 294 -19.57 -8.10 12.18
N VAL B 295 -20.02 -7.46 11.08
CA VAL B 295 -19.89 -8.12 9.79
C VAL B 295 -18.41 -8.35 9.45
N ILE B 296 -17.59 -7.32 9.53
CA ILE B 296 -16.15 -7.41 9.30
C ILE B 296 -15.47 -8.47 10.15
N GLU B 297 -15.70 -8.40 11.46
CA GLU B 297 -15.12 -9.32 12.44
C GLU B 297 -15.45 -10.76 12.09
N ASP B 298 -16.72 -11.05 11.84
CA ASP B 298 -17.14 -12.41 11.49
C ASP B 298 -16.58 -12.89 10.13
N ARG B 299 -16.71 -12.06 9.09
CA ARG B 299 -16.53 -12.52 7.71
C ARG B 299 -15.06 -12.64 7.40
N PHE B 300 -14.26 -11.72 8.00
CA PHE B 300 -12.81 -11.70 7.81
C PHE B 300 -12.01 -12.37 8.96
N ALA B 301 -12.71 -12.91 9.98
CA ALA B 301 -12.12 -13.61 11.12
C ALA B 301 -11.07 -12.75 11.83
N VAL B 302 -11.48 -11.51 12.20
CA VAL B 302 -10.65 -10.51 12.86
C VAL B 302 -11.28 -10.10 14.20
N GLU B 303 -10.56 -10.47 15.27
CA GLU B 303 -10.95 -10.34 16.66
C GLU B 303 -10.97 -8.84 16.95
N HIS B 304 -12.11 -8.33 17.40
CA HIS B 304 -12.26 -6.92 17.78
C HIS B 304 -11.07 -6.48 18.67
N GLY B 305 -10.36 -5.43 18.27
CA GLY B 305 -9.20 -4.91 19.00
C GLY B 305 -7.86 -5.28 18.37
N SER B 306 -7.82 -6.40 17.62
CA SER B 306 -6.57 -6.95 17.13
C SER B 306 -5.90 -5.97 16.17
N GLU B 307 -4.63 -6.23 15.89
CA GLU B 307 -3.87 -5.44 14.94
C GLU B 307 -4.39 -5.69 13.51
N ASP B 308 -4.85 -6.92 13.25
CA ASP B 308 -5.48 -7.30 11.97
C ASP B 308 -6.84 -6.58 11.75
N TRP B 309 -7.57 -6.42 12.84
CA TRP B 309 -8.84 -5.71 12.86
C TRP B 309 -8.61 -4.25 12.49
N TYR B 310 -7.56 -3.64 13.07
CA TYR B 310 -7.35 -2.23 12.81
C TYR B 310 -6.99 -2.04 11.33
N LYS B 311 -6.24 -3.00 10.77
CA LYS B 311 -5.85 -2.98 9.36
C LYS B 311 -7.07 -3.12 8.42
N LYS B 312 -7.99 -3.97 8.83
CA LYS B 312 -9.18 -4.23 8.07
C LYS B 312 -10.11 -2.99 8.07
N LEU B 313 -10.36 -2.40 9.23
CA LEU B 313 -11.12 -1.14 9.33
C LEU B 313 -10.49 -0.04 8.53
N ASP B 314 -9.13 0.02 8.60
CA ASP B 314 -8.39 1.06 7.90
C ASP B 314 -8.61 1.02 6.37
N LEU B 315 -8.45 -0.17 5.78
CA LEU B 315 -8.73 -0.44 4.36
C LEU B 315 -10.15 0.01 3.92
N HIS B 316 -11.19 -0.31 4.74
CA HIS B 316 -12.56 0.08 4.42
C HIS B 316 -12.76 1.58 4.45
N PHE B 317 -12.27 2.22 5.52
CA PHE B 317 -12.37 3.67 5.65
C PHE B 317 -11.83 4.40 4.42
N LYS B 318 -10.54 4.08 4.10
CA LYS B 318 -9.83 4.69 2.98
C LYS B 318 -10.55 4.51 1.65
N TRP B 319 -11.06 3.29 1.40
CA TRP B 319 -11.77 3.02 0.14
C TRP B 319 -13.09 3.83 0.03
N LEU B 320 -13.85 3.92 1.13
CA LEU B 320 -15.15 4.60 1.13
C LEU B 320 -15.09 6.13 0.91
N LEU B 321 -13.98 6.81 1.26
CA LEU B 321 -13.86 8.26 1.16
C LEU B 321 -13.87 8.78 -0.27
N GLN B 322 -13.65 7.88 -1.25
CA GLN B 322 -13.74 8.30 -2.65
C GLN B 322 -15.19 8.50 -3.09
N TYR B 323 -16.17 8.09 -2.26
CA TYR B 323 -17.56 8.12 -2.71
C TYR B 323 -18.32 9.34 -2.17
N ARG B 324 -17.60 10.36 -1.64
CA ARG B 324 -18.13 11.64 -1.19
C ARG B 324 -19.07 11.47 0.01
N ILE B 325 -18.69 10.45 0.83
CA ILE B 325 -19.45 10.01 1.97
C ILE B 325 -18.54 10.05 3.20
N SER B 326 -19.16 10.05 4.39
CA SER B 326 -18.42 10.05 5.63
C SER B 326 -18.82 8.80 6.38
N PRO B 327 -17.99 7.74 6.36
CA PRO B 327 -18.33 6.51 7.06
C PRO B 327 -18.26 6.58 8.57
N TYR B 328 -19.00 5.65 9.20
CA TYR B 328 -18.92 5.38 10.64
C TYR B 328 -19.04 3.89 10.83
N PHE B 329 -18.24 3.28 11.70
CA PHE B 329 -18.48 1.89 12.06
C PHE B 329 -19.60 1.82 13.08
N CYS B 330 -20.30 0.71 13.17
CA CYS B 330 -21.54 0.63 13.92
C CYS B 330 -21.72 -0.76 14.50
N LYS B 331 -21.87 -0.83 15.85
CA LYS B 331 -22.37 -2.00 16.58
C LYS B 331 -23.71 -1.65 17.26
N TRP B 332 -24.74 -2.47 17.04
CA TRP B 332 -26.02 -2.28 17.68
C TRP B 332 -26.01 -3.02 19.02
N GLY B 333 -26.68 -2.41 20.04
CA GLY B 333 -26.89 -3.01 21.38
C GLY B 333 -28.37 -3.19 21.72
N GLU B 334 -28.63 -3.51 23.00
CA GLU B 334 -29.98 -3.82 23.46
C GLU B 334 -30.96 -2.68 23.15
N SER B 335 -32.14 -3.07 22.60
CA SER B 335 -33.22 -2.17 22.25
C SER B 335 -32.83 -1.16 21.15
N MET B 336 -31.65 -1.33 20.48
CA MET B 336 -31.20 -0.57 19.30
C MET B 336 -30.43 0.70 19.69
N ARG B 337 -29.88 0.74 20.90
CA ARG B 337 -28.70 1.57 21.18
C ARG B 337 -27.61 1.31 20.13
N VAL B 338 -26.81 2.32 19.76
CA VAL B 338 -25.73 2.10 18.82
C VAL B 338 -24.43 2.70 19.38
N LEU B 339 -23.35 1.92 19.24
CA LEU B 339 -21.97 2.38 19.33
C LEU B 339 -21.45 2.75 17.92
N THR B 340 -21.28 4.05 17.63
CA THR B 340 -20.87 4.53 16.32
C THR B 340 -19.57 5.28 16.51
N TYR B 341 -18.64 5.09 15.56
CA TYR B 341 -17.30 5.65 15.58
C TYR B 341 -16.69 5.61 14.19
N THR B 342 -16.29 6.80 13.70
CA THR B 342 -15.57 6.96 12.46
C THR B 342 -14.14 6.42 12.58
N SER B 343 -13.48 6.79 13.68
CA SER B 343 -12.12 6.34 13.92
C SER B 343 -12.12 5.31 15.04
N PRO B 344 -11.50 4.11 14.83
CA PRO B 344 -11.29 3.11 15.91
C PRO B 344 -10.14 3.44 16.88
N TRP B 345 -9.35 4.46 16.46
CA TRP B 345 -8.10 4.89 17.06
C TRP B 345 -8.37 5.90 18.19
N PRO B 346 -7.76 5.73 19.39
CA PRO B 346 -7.83 6.77 20.46
C PRO B 346 -7.42 8.18 19.97
N ALA B 347 -8.05 9.25 20.49
CA ALA B 347 -7.95 10.59 19.90
C ALA B 347 -6.53 11.21 19.93
N ASP B 348 -5.67 10.73 20.84
CA ASP B 348 -4.26 11.16 20.97
C ASP B 348 -3.39 10.51 19.90
N HIS B 349 -3.82 9.32 19.38
CA HIS B 349 -3.05 8.52 18.42
C HIS B 349 -2.93 9.34 17.14
N PRO B 350 -1.72 9.43 16.50
CA PRO B 350 -1.58 10.18 15.23
C PRO B 350 -2.61 9.81 14.13
N LYS B 351 -3.05 8.53 14.12
CA LYS B 351 -3.98 7.98 13.11
C LYS B 351 -5.40 8.59 13.22
N SER B 352 -5.90 8.84 14.45
CA SER B 352 -7.09 9.66 14.72
C SER B 352 -7.09 10.94 13.88
N ASP B 353 -6.00 11.70 13.80
CA ASP B 353 -6.11 13.01 13.16
C ASP B 353 -5.85 12.93 11.64
N GLU B 354 -5.16 11.88 11.20
CA GLU B 354 -5.10 11.55 9.77
C GLU B 354 -6.50 11.27 9.19
N TYR B 355 -7.38 10.56 9.95
CA TYR B 355 -8.79 10.36 9.55
C TYR B 355 -9.66 11.62 9.64
N LEU B 356 -9.78 12.12 10.90
CA LEU B 356 -10.70 13.17 11.30
C LEU B 356 -10.37 14.51 10.65
N SER B 357 -9.12 14.76 10.27
CA SER B 357 -8.83 16.04 9.60
C SER B 357 -8.76 15.91 8.07
N ASP B 358 -8.98 14.72 7.50
CA ASP B 358 -9.07 14.54 6.05
C ASP B 358 -10.16 15.48 5.46
N SER B 359 -9.82 16.31 4.47
CA SER B 359 -10.74 17.32 3.92
C SER B 359 -12.03 16.73 3.32
N ARG B 360 -11.98 15.47 2.87
CA ARG B 360 -13.08 14.76 2.22
C ARG B 360 -14.12 14.24 3.23
N LEU B 361 -13.76 14.14 4.52
CA LEU B 361 -14.62 13.66 5.57
C LEU B 361 -15.45 14.80 6.15
N ALA B 362 -16.73 14.96 5.73
CA ALA B 362 -17.55 16.09 6.16
C ALA B 362 -18.13 15.96 7.58
N ALA B 363 -18.27 14.75 8.14
CA ALA B 363 -18.82 14.61 9.48
C ALA B 363 -18.35 13.31 10.06
N TYR B 364 -18.10 13.25 11.37
CA TYR B 364 -17.59 12.02 11.92
C TYR B 364 -18.25 11.73 13.24
N ALA B 365 -18.43 10.43 13.52
CA ALA B 365 -19.10 9.94 14.70
C ALA B 365 -18.09 9.65 15.82
N VAL B 366 -18.48 10.08 17.05
CA VAL B 366 -17.67 9.89 18.23
C VAL B 366 -18.41 8.92 19.13
N PRO B 367 -17.73 7.84 19.57
CA PRO B 367 -18.40 6.86 20.42
C PRO B 367 -18.67 7.28 21.86
N TYR B 368 -19.82 6.79 22.34
CA TYR B 368 -20.32 7.06 23.68
C TYR B 368 -19.53 6.27 24.74
N ARG B 369 -19.14 5.03 24.40
CA ARG B 369 -18.42 4.14 25.29
C ARG B 369 -17.15 3.65 24.58
N GLN B 370 -16.35 2.81 25.25
CA GLN B 370 -15.07 2.38 24.70
C GLN B 370 -15.30 1.38 23.54
N VAL B 371 -14.73 1.72 22.36
CA VAL B 371 -14.43 0.77 21.27
C VAL B 371 -13.66 -0.45 21.83
N ILE B 372 -12.45 -0.22 22.38
CA ILE B 372 -11.55 -1.28 22.83
C ILE B 372 -11.54 -1.32 24.37
N ALA B 373 -11.99 -2.45 24.97
CA ALA B 373 -12.12 -2.56 26.43
C ALA B 373 -10.80 -2.17 27.08
N GLY B 374 -10.89 -1.32 28.11
CA GLY B 374 -9.75 -0.76 28.82
C GLY B 374 -10.01 -0.72 30.33
N ASP B 375 -9.16 0.03 31.05
CA ASP B 375 -9.14 -0.01 32.50
C ASP B 375 -10.06 1.07 33.10
N ASP B 376 -10.21 2.23 32.41
CA ASP B 376 -11.02 3.34 32.92
C ASP B 376 -12.51 3.01 32.80
N SER B 377 -13.33 3.45 33.76
CA SER B 377 -14.78 3.33 33.64
C SER B 377 -15.26 4.23 32.50
N ARG B 378 -16.55 4.11 32.15
CA ARG B 378 -17.11 4.64 30.90
C ARG B 378 -17.11 6.18 30.90
N GLU B 379 -17.38 6.83 32.05
CA GLU B 379 -17.42 8.28 32.18
C GLU B 379 -16.02 8.90 32.10
N SER B 380 -15.03 8.26 32.77
CA SER B 380 -13.65 8.73 32.72
C SER B 380 -13.08 8.61 31.31
N TYR B 381 -13.35 7.50 30.57
CA TYR B 381 -12.92 7.42 29.15
C TYR B 381 -13.55 8.56 28.34
N LEU B 382 -14.87 8.79 28.52
CA LEU B 382 -15.58 9.74 27.67
C LEU B 382 -15.00 11.15 27.81
N ARG B 383 -14.78 11.60 29.06
CA ARG B 383 -14.34 12.96 29.32
C ARG B 383 -12.93 13.19 28.73
N LYS B 384 -12.01 12.23 28.95
CA LYS B 384 -10.64 12.34 28.47
C LYS B 384 -10.61 12.48 26.95
N GLU B 385 -11.54 11.77 26.28
CA GLU B 385 -11.57 11.65 24.83
C GLU B 385 -12.09 12.96 24.23
N VAL B 386 -13.26 13.42 24.73
CA VAL B 386 -13.86 14.69 24.33
C VAL B 386 -12.91 15.89 24.63
N GLU B 387 -12.16 15.86 25.77
CA GLU B 387 -11.23 16.94 26.08
C GLU B 387 -10.21 17.07 24.94
N ILE B 388 -9.54 15.96 24.58
CA ILE B 388 -8.65 15.97 23.42
C ILE B 388 -9.35 16.44 22.11
N LEU B 389 -10.62 16.05 21.88
CA LEU B 389 -11.23 16.28 20.57
C LEU B 389 -11.71 17.73 20.41
N ARG B 390 -12.28 18.28 21.51
CA ARG B 390 -12.72 19.68 21.66
C ARG B 390 -11.63 20.68 21.26
N SER B 391 -10.34 20.33 21.49
CA SER B 391 -9.23 21.23 21.20
C SER B 391 -8.82 21.21 19.71
N LYS B 392 -9.30 20.23 18.93
CA LYS B 392 -8.80 20.03 17.57
C LYS B 392 -9.53 20.92 16.55
N PRO B 393 -8.89 21.30 15.42
CA PRO B 393 -9.55 22.09 14.36
C PRO B 393 -10.81 21.52 13.65
N HIS B 394 -10.96 20.19 13.72
CA HIS B 394 -11.98 19.44 12.98
C HIS B 394 -13.16 19.05 13.89
N TRP B 395 -13.29 19.66 15.07
CA TRP B 395 -14.31 19.29 16.06
C TRP B 395 -15.73 19.74 15.64
N ASN B 396 -15.84 20.80 14.81
CA ASN B 396 -17.09 21.22 14.22
C ASN B 396 -17.75 20.14 13.33
N LYS B 397 -17.10 18.98 13.12
CA LYS B 397 -17.55 17.94 12.21
C LYS B 397 -18.09 16.78 13.05
N ALA B 398 -17.72 16.73 14.35
CA ALA B 398 -18.17 15.67 15.24
C ALA B 398 -19.69 15.65 15.38
N TYR B 399 -20.20 14.44 15.66
CA TYR B 399 -21.59 14.22 16.07
C TYR B 399 -21.61 12.95 16.86
N PHE B 400 -22.69 12.76 17.62
CA PHE B 400 -22.85 11.57 18.44
C PHE B 400 -24.12 10.86 17.98
N TYR B 401 -24.03 9.58 17.54
CA TYR B 401 -25.22 8.86 17.16
C TYR B 401 -25.40 7.78 18.22
N LEU B 402 -26.49 7.89 18.95
CA LEU B 402 -26.63 7.16 20.20
C LEU B 402 -27.75 6.13 20.14
N TRP B 403 -28.87 6.46 19.47
CA TRP B 403 -29.97 5.50 19.46
C TRP B 403 -30.55 5.42 18.06
N ASP B 404 -30.80 4.20 17.60
CA ASP B 404 -31.35 3.97 16.26
C ASP B 404 -32.85 3.78 16.45
N GLU B 405 -33.66 4.74 16.00
CA GLU B 405 -35.13 4.61 15.98
C GLU B 405 -35.71 4.31 17.40
N PRO B 406 -35.57 5.24 18.37
CA PRO B 406 -36.31 5.14 19.64
C PRO B 406 -37.81 5.05 19.33
N LEU B 407 -38.50 4.11 19.99
CA LEU B 407 -39.83 3.64 19.64
C LEU B 407 -40.82 3.83 20.80
N ASN B 408 -40.34 3.88 22.06
CA ASN B 408 -41.26 4.11 23.18
C ASN B 408 -40.60 4.98 24.24
N MET B 409 -41.39 5.38 25.24
CA MET B 409 -41.02 6.52 26.05
C MET B 409 -39.69 6.24 26.76
N GLU B 410 -39.45 4.97 27.16
CA GLU B 410 -38.20 4.65 27.84
C GLU B 410 -36.98 4.90 26.93
N HIS B 411 -37.11 4.68 25.59
CA HIS B 411 -36.02 4.93 24.65
C HIS B 411 -35.70 6.41 24.48
N PHE B 412 -36.72 7.26 24.29
CA PHE B 412 -36.51 8.71 24.12
C PHE B 412 -35.89 9.35 25.37
N ASP B 413 -36.15 8.74 26.53
CA ASP B 413 -35.66 9.19 27.82
C ASP B 413 -34.23 8.69 28.11
N ASN B 414 -33.90 7.43 27.78
CA ASN B 414 -32.48 7.04 27.76
C ASN B 414 -31.65 7.98 26.86
N VAL B 415 -32.17 8.47 25.73
CA VAL B 415 -31.40 9.37 24.86
C VAL B 415 -31.13 10.70 25.58
N ARG B 416 -32.17 11.23 26.27
CA ARG B 416 -32.03 12.52 26.95
C ARG B 416 -30.98 12.41 28.06
N LYS B 417 -31.01 11.30 28.86
CA LYS B 417 -30.01 11.01 29.87
C LYS B 417 -28.60 10.90 29.30
N MET B 418 -28.43 10.28 28.11
CA MET B 418 -27.13 9.95 27.53
C MET B 418 -26.53 11.24 27.02
N ALA B 419 -27.34 11.99 26.27
CA ALA B 419 -26.95 13.28 25.75
C ALA B 419 -26.50 14.20 26.90
N SER B 420 -27.22 14.19 28.04
CA SER B 420 -26.97 15.19 29.10
C SER B 420 -25.65 14.91 29.78
N GLU B 421 -25.28 13.61 29.95
CA GLU B 421 -23.96 13.19 30.37
C GLU B 421 -22.86 13.86 29.51
N ILE B 422 -22.88 13.66 28.18
CA ILE B 422 -22.00 14.31 27.18
C ILE B 422 -21.98 15.86 27.26
N TYR B 423 -23.10 16.53 27.57
CA TYR B 423 -23.13 17.99 27.58
C TYR B 423 -22.35 18.57 28.76
N ALA B 424 -22.18 17.77 29.84
CA ALA B 424 -21.36 18.10 31.00
C ALA B 424 -19.88 18.24 30.62
N TYR B 425 -19.42 17.46 29.63
CA TYR B 425 -18.07 17.55 29.13
C TYR B 425 -17.96 18.55 27.97
N ALA B 426 -18.98 18.62 27.09
CA ALA B 426 -18.96 19.56 25.97
C ALA B 426 -20.39 20.01 25.67
N PRO B 427 -20.81 21.22 26.12
CA PRO B 427 -22.12 21.78 25.77
C PRO B 427 -22.47 21.91 24.27
N ASP B 428 -21.45 22.01 23.40
CA ASP B 428 -21.60 22.33 21.98
C ASP B 428 -21.77 21.06 21.11
N SER B 429 -21.57 19.85 21.68
CA SER B 429 -21.74 18.55 21.00
C SER B 429 -23.10 18.45 20.26
N ARG B 430 -23.03 17.94 19.02
CA ARG B 430 -24.22 17.62 18.22
C ARG B 430 -24.58 16.16 18.43
N VAL B 431 -25.79 15.90 18.95
CA VAL B 431 -26.36 14.55 19.10
C VAL B 431 -27.32 14.27 17.94
N LEU B 432 -27.09 13.17 17.18
CA LEU B 432 -27.93 12.82 16.05
C LEU B 432 -28.87 11.69 16.50
N THR B 433 -30.17 11.81 16.19
CA THR B 433 -31.13 10.77 16.48
C THR B 433 -31.98 10.49 15.22
N THR B 434 -32.03 9.18 14.85
CA THR B 434 -32.88 8.69 13.77
C THR B 434 -34.26 8.37 14.33
N TYR B 435 -35.35 8.72 13.62
CA TYR B 435 -36.65 8.17 14.04
C TYR B 435 -37.68 8.24 12.94
N TYR B 436 -38.72 7.37 13.04
CA TYR B 436 -39.87 7.37 12.14
C TYR B 436 -41.20 7.53 12.88
N CYS B 437 -41.16 7.60 14.21
CA CYS B 437 -42.38 7.58 15.02
C CYS B 437 -42.11 8.32 16.31
N GLY B 438 -43.21 8.79 16.92
CA GLY B 438 -43.16 9.20 18.30
C GLY B 438 -43.21 7.97 19.20
N PRO B 439 -43.18 8.20 20.54
CA PRO B 439 -43.31 7.11 21.50
C PRO B 439 -44.67 6.42 21.46
N GLY B 440 -44.70 5.09 21.24
CA GLY B 440 -45.92 4.38 20.92
C GLY B 440 -46.76 4.16 22.19
N ASP B 441 -46.08 4.08 23.32
CA ASP B 441 -46.71 3.85 24.61
C ASP B 441 -47.14 5.16 25.34
N ALA B 442 -46.69 6.38 24.90
CA ALA B 442 -47.32 7.63 25.35
C ALA B 442 -47.38 8.64 24.18
N PRO B 443 -48.33 8.52 23.23
CA PRO B 443 -48.22 9.28 21.98
C PRO B 443 -48.27 10.79 22.21
N LEU B 444 -47.64 11.59 21.34
CA LEU B 444 -47.57 13.05 21.52
C LEU B 444 -48.77 13.74 20.85
N ALA B 445 -49.63 13.01 20.15
CA ALA B 445 -50.68 13.59 19.37
C ALA B 445 -51.61 12.47 18.92
N PRO B 446 -52.86 12.78 18.60
CA PRO B 446 -53.84 11.72 18.33
C PRO B 446 -53.69 10.90 17.06
N THR B 447 -52.74 11.21 16.17
CA THR B 447 -52.44 10.29 15.07
C THR B 447 -50.92 10.10 14.95
N PRO B 448 -50.44 8.98 14.35
CA PRO B 448 -48.99 8.70 14.33
C PRO B 448 -48.17 9.72 13.53
N PHE B 449 -48.66 10.21 12.39
CA PHE B 449 -47.95 11.23 11.64
C PHE B 449 -47.79 12.49 12.49
N GLU B 450 -48.86 12.89 13.20
CA GLU B 450 -48.80 14.09 14.03
C GLU B 450 -47.89 13.90 15.26
N SER B 451 -47.93 12.72 15.90
CA SER B 451 -47.00 12.38 16.99
C SER B 451 -45.53 12.49 16.51
N PHE B 452 -45.18 11.90 15.35
CA PHE B 452 -43.85 11.99 14.75
C PHE B 452 -43.37 13.45 14.57
N VAL B 453 -44.23 14.27 13.97
CA VAL B 453 -43.94 15.69 13.73
C VAL B 453 -43.61 16.42 15.03
N LYS B 454 -43.99 15.88 16.21
CA LYS B 454 -43.84 16.57 17.48
C LYS B 454 -42.69 16.05 18.31
N VAL B 455 -41.97 15.07 17.76
CA VAL B 455 -40.80 14.48 18.42
C VAL B 455 -39.75 15.49 18.88
N PRO B 456 -39.39 16.52 18.07
CA PRO B 456 -38.41 17.51 18.52
C PRO B 456 -38.81 18.23 19.84
N ASN B 457 -40.12 18.43 20.09
CA ASN B 457 -40.62 19.05 21.32
C ASN B 457 -40.45 18.12 22.55
N LEU B 458 -40.41 16.80 22.35
CA LEU B 458 -40.04 15.86 23.41
C LEU B 458 -38.53 15.79 23.61
N LEU B 459 -37.72 15.76 22.54
CA LEU B 459 -36.27 15.50 22.72
C LEU B 459 -35.47 16.76 23.11
N ARG B 460 -35.92 17.94 22.65
CA ARG B 460 -35.21 19.20 22.83
C ARG B 460 -34.95 19.51 24.31
N PRO B 461 -33.72 19.98 24.70
CA PRO B 461 -32.61 20.29 23.78
C PRO B 461 -31.56 19.14 23.71
N TYR B 462 -31.97 17.86 23.85
CA TYR B 462 -31.06 16.72 23.88
C TYR B 462 -30.97 15.96 22.52
N THR B 463 -31.31 16.64 21.39
CA THR B 463 -30.88 16.23 20.07
C THR B 463 -30.68 17.50 19.25
N GLN B 464 -29.58 17.57 18.47
CA GLN B 464 -29.33 18.68 17.57
C GLN B 464 -29.59 18.30 16.10
N ILE B 465 -29.31 17.04 15.70
CA ILE B 465 -29.66 16.58 14.35
C ILE B 465 -30.85 15.61 14.42
N TYR B 466 -31.97 16.12 13.89
CA TYR B 466 -33.21 15.37 13.78
C TYR B 466 -33.24 14.65 12.43
N CYS B 467 -32.85 13.35 12.41
CA CYS B 467 -32.77 12.56 11.17
C CYS B 467 -34.00 11.65 11.03
N THR B 468 -34.87 11.99 10.08
CA THR B 468 -36.20 11.39 9.97
C THR B 468 -36.30 10.48 8.75
N SER B 469 -37.16 9.49 8.87
CA SER B 469 -37.45 8.57 7.78
C SER B 469 -38.20 9.26 6.66
N GLU B 470 -37.69 9.08 5.45
CA GLU B 470 -38.33 9.62 4.27
C GLU B 470 -39.66 8.91 4.06
N TRP B 471 -39.78 7.59 4.40
CA TRP B 471 -40.94 6.77 4.04
CA TRP B 471 -40.95 6.77 4.01
C TRP B 471 -42.20 7.37 4.65
N VAL B 472 -42.05 8.11 5.76
CA VAL B 472 -43.16 8.62 6.56
C VAL B 472 -43.93 9.72 5.80
N LEU B 473 -43.25 10.40 4.88
CA LEU B 473 -43.85 11.40 4.04
C LEU B 473 -44.67 10.81 2.90
N GLY B 474 -44.65 9.49 2.60
CA GLY B 474 -45.31 9.03 1.38
C GLY B 474 -44.82 9.92 0.22
N ASN B 475 -45.73 10.36 -0.69
CA ASN B 475 -45.31 11.24 -1.77
C ASN B 475 -45.65 12.72 -1.46
N ARG B 476 -45.76 13.07 -0.18
CA ARG B 476 -46.10 14.42 0.24
C ARG B 476 -44.85 15.27 0.50
N GLU B 477 -44.47 16.02 -0.54
CA GLU B 477 -43.35 16.95 -0.39
C GLU B 477 -43.82 18.17 0.38
N ASP B 478 -45.14 18.44 0.39
CA ASP B 478 -45.71 19.63 1.03
C ASP B 478 -45.75 19.49 2.55
N LEU B 479 -45.53 18.28 3.12
CA LEU B 479 -45.56 18.15 4.57
C LEU B 479 -44.18 18.35 5.20
N VAL B 480 -43.16 18.54 4.37
CA VAL B 480 -41.85 18.86 4.91
C VAL B 480 -41.89 20.10 5.84
N LYS B 481 -42.61 21.14 5.38
CA LYS B 481 -42.90 22.36 6.15
C LYS B 481 -43.37 22.03 7.57
N ASP B 482 -44.21 21.00 7.72
CA ASP B 482 -44.76 20.60 9.03
C ASP B 482 -43.67 20.04 9.95
N ILE B 483 -42.64 19.39 9.38
CA ILE B 483 -41.50 18.92 10.16
C ILE B 483 -40.64 20.11 10.59
N LEU B 484 -40.33 21.01 9.65
CA LEU B 484 -39.38 22.10 9.84
C LEU B 484 -39.95 23.13 10.84
N ASP B 485 -41.28 23.31 10.81
CA ASP B 485 -41.95 24.26 11.70
C ASP B 485 -41.78 23.88 13.18
N GLU B 486 -41.56 22.60 13.54
CA GLU B 486 -41.22 22.26 14.94
C GLU B 486 -39.74 22.40 15.33
N LEU B 487 -38.85 22.72 14.36
CA LEU B 487 -37.41 22.81 14.63
C LEU B 487 -37.03 24.28 14.75
N GLN B 488 -35.96 24.48 15.50
CA GLN B 488 -35.41 25.79 15.82
C GLN B 488 -34.03 25.85 15.18
N THR B 489 -34.04 26.09 13.84
CA THR B 489 -32.88 26.01 12.96
C THR B 489 -31.97 27.23 13.09
N GLU B 490 -32.39 28.23 13.85
CA GLU B 490 -31.55 29.35 14.20
C GLU B 490 -30.97 29.11 15.59
N ASN B 491 -31.11 27.89 16.14
CA ASN B 491 -30.35 27.46 17.32
C ASN B 491 -29.54 26.18 17.01
N GLY B 492 -29.01 26.06 15.77
CA GLY B 492 -28.36 24.82 15.30
C GLY B 492 -29.13 23.51 15.61
N GLU B 493 -30.43 23.50 15.31
CA GLU B 493 -31.12 22.25 15.03
C GLU B 493 -31.02 22.04 13.51
N GLU B 494 -30.78 20.78 13.12
CA GLU B 494 -30.74 20.44 11.69
C GLU B 494 -31.76 19.33 11.44
N TRP B 495 -32.26 19.38 10.21
CA TRP B 495 -33.07 18.36 9.59
C TRP B 495 -32.25 17.62 8.54
N TRP B 496 -32.06 16.32 8.85
CA TRP B 496 -31.51 15.30 7.96
C TRP B 496 -32.56 14.23 7.67
N THR B 497 -32.33 13.35 6.66
CA THR B 497 -33.24 12.28 6.31
C THR B 497 -32.51 10.96 6.08
N TYR B 498 -33.26 9.83 6.11
CA TYR B 498 -32.70 8.55 5.77
C TYR B 498 -33.70 7.78 4.95
N ILE B 499 -33.14 6.78 4.23
CA ILE B 499 -33.90 5.75 3.53
C ILE B 499 -33.49 4.37 4.00
N CYS B 500 -34.33 3.38 3.74
CA CYS B 500 -34.11 2.05 4.28
C CYS B 500 -34.98 1.07 3.49
N LEU B 501 -35.63 0.14 4.18
CA LEU B 501 -36.54 -0.82 3.56
C LEU B 501 -37.70 -0.07 2.93
N GLY B 502 -37.93 1.16 3.42
CA GLY B 502 -38.81 2.09 2.73
C GLY B 502 -38.08 3.38 2.43
N PRO B 503 -38.52 4.16 1.43
CA PRO B 503 -39.70 3.84 0.63
C PRO B 503 -39.45 2.86 -0.52
N SER B 504 -40.53 2.29 -1.05
CA SER B 504 -40.40 1.30 -2.10
C SER B 504 -40.86 1.90 -3.43
N ASP B 505 -40.81 1.06 -4.45
CA ASP B 505 -41.11 1.40 -5.82
C ASP B 505 -42.42 2.15 -5.88
N PRO B 506 -42.60 3.23 -6.67
CA PRO B 506 -41.55 3.77 -7.55
C PRO B 506 -40.69 4.93 -7.01
N HIS B 507 -40.55 5.02 -5.67
CA HIS B 507 -39.82 6.10 -5.03
C HIS B 507 -38.34 5.74 -5.22
N PRO B 508 -37.42 6.75 -5.15
CA PRO B 508 -35.97 6.51 -5.16
C PRO B 508 -35.46 5.75 -3.94
N ASN B 509 -34.65 4.72 -4.22
CA ASN B 509 -33.99 3.96 -3.18
C ASN B 509 -32.92 3.06 -3.81
N TRP B 510 -32.25 2.22 -2.98
CA TRP B 510 -31.14 1.39 -3.44
C TRP B 510 -31.44 -0.11 -3.27
N HIS B 511 -32.69 -0.52 -3.56
CA HIS B 511 -33.08 -1.91 -3.55
C HIS B 511 -32.68 -2.57 -4.90
N LEU B 512 -32.14 -3.80 -4.87
CA LEU B 512 -31.72 -4.42 -6.13
C LEU B 512 -32.96 -4.59 -7.04
N GLY B 513 -32.79 -4.33 -8.36
CA GLY B 513 -33.90 -4.34 -9.31
C GLY B 513 -34.34 -2.92 -9.65
N MET B 514 -34.18 -1.95 -8.74
CA MET B 514 -34.54 -0.59 -9.13
C MET B 514 -33.63 -0.08 -10.27
N ARG B 515 -34.20 0.79 -11.08
CA ARG B 515 -33.63 1.33 -12.30
C ARG B 515 -32.56 2.37 -11.97
N GLY B 516 -31.62 2.62 -12.89
CA GLY B 516 -30.48 3.51 -12.69
C GLY B 516 -30.82 4.92 -12.18
N THR B 517 -31.75 5.61 -12.87
CA THR B 517 -32.12 6.99 -12.59
C THR B 517 -32.94 7.03 -11.30
N GLN B 518 -33.63 5.94 -10.96
CA GLN B 518 -34.28 5.74 -9.64
C GLN B 518 -33.27 5.74 -8.49
N GLN B 519 -32.10 5.13 -8.72
CA GLN B 519 -31.02 5.11 -7.71
C GLN B 519 -30.41 6.52 -7.51
N ARG B 520 -30.15 7.19 -8.62
CA ARG B 520 -29.57 8.54 -8.69
C ARG B 520 -30.53 9.62 -8.12
N ALA B 521 -31.85 9.36 -8.16
CA ALA B 521 -32.88 10.32 -7.77
C ALA B 521 -32.91 10.45 -6.24
N VAL B 522 -32.26 9.54 -5.49
CA VAL B 522 -32.18 9.71 -4.06
C VAL B 522 -31.64 11.11 -3.71
N MET B 523 -30.57 11.57 -4.43
CA MET B 523 -29.92 12.82 -4.14
C MET B 523 -30.61 14.02 -4.78
N TRP B 524 -31.30 13.84 -5.90
CA TRP B 524 -32.19 14.85 -6.44
C TRP B 524 -33.27 15.25 -5.44
N ARG B 525 -33.88 14.23 -4.82
CA ARG B 525 -34.90 14.42 -3.81
C ARG B 525 -34.29 15.11 -2.57
N VAL B 526 -33.16 14.61 -2.05
CA VAL B 526 -32.50 15.19 -0.90
C VAL B 526 -32.19 16.68 -1.13
N TRP B 527 -31.86 17.05 -2.38
CA TRP B 527 -31.51 18.41 -2.71
C TRP B 527 -32.76 19.27 -2.71
N LYS B 528 -33.78 18.80 -3.43
CA LYS B 528 -34.99 19.60 -3.56
C LYS B 528 -35.66 19.88 -2.21
N GLU B 529 -35.68 18.92 -1.31
CA GLU B 529 -36.45 19.04 -0.07
C GLU B 529 -35.64 19.88 0.97
N GLY B 530 -34.32 20.09 0.78
CA GLY B 530 -33.53 21.12 1.48
C GLY B 530 -33.08 20.75 2.89
N GLY B 531 -33.15 19.47 3.26
CA GLY B 531 -32.44 19.07 4.47
C GLY B 531 -30.94 19.30 4.28
N THR B 532 -30.20 19.31 5.38
CA THR B 532 -28.80 19.70 5.35
C THR B 532 -27.87 18.50 5.58
N GLY B 533 -28.43 17.25 5.59
CA GLY B 533 -27.67 16.01 5.69
C GLY B 533 -28.50 14.77 5.34
N PHE B 534 -27.81 13.61 5.32
CA PHE B 534 -28.37 12.34 4.87
C PHE B 534 -27.63 11.20 5.56
N LEU B 535 -28.35 10.14 5.94
CA LEU B 535 -27.80 8.98 6.62
C LEU B 535 -28.33 7.70 5.94
N TYR B 536 -27.45 6.68 5.84
CA TYR B 536 -27.85 5.36 5.40
C TYR B 536 -27.32 4.35 6.42
N TRP B 537 -28.18 3.42 6.85
CA TRP B 537 -27.92 2.64 8.06
C TRP B 537 -26.75 1.63 7.93
N GLY B 538 -26.45 1.24 6.68
CA GLY B 538 -25.54 0.09 6.49
C GLY B 538 -25.10 -0.04 5.05
N ALA B 539 -23.83 -0.38 4.83
CA ALA B 539 -23.29 -0.53 3.48
C ALA B 539 -22.76 -1.94 3.21
N ASN B 540 -22.52 -2.71 4.28
CA ASN B 540 -22.03 -4.08 4.24
C ASN B 540 -22.92 -4.98 5.09
N CYS B 541 -24.24 -4.72 5.13
CA CYS B 541 -25.14 -5.48 6.01
C CYS B 541 -25.68 -6.80 5.40
N TYR B 542 -24.75 -7.70 5.10
CA TYR B 542 -25.02 -9.02 4.58
C TYR B 542 -25.47 -9.90 5.74
N GLU B 543 -26.09 -11.03 5.42
CA GLU B 543 -26.21 -12.14 6.37
C GLU B 543 -24.79 -12.56 6.76
N LYS B 544 -24.73 -13.24 7.89
CA LYS B 544 -23.54 -13.67 8.58
C LYS B 544 -22.81 -14.77 7.82
N ALA B 545 -21.48 -14.67 7.77
CA ALA B 545 -20.61 -15.63 7.11
C ALA B 545 -19.27 -15.54 7.82
N THR B 546 -18.45 -16.60 7.70
CA THR B 546 -17.22 -16.72 8.47
C THR B 546 -15.97 -16.85 7.58
N VAL B 547 -16.09 -16.68 6.26
CA VAL B 547 -14.97 -16.71 5.33
C VAL B 547 -15.07 -15.51 4.41
N PRO B 548 -13.95 -14.82 4.05
CA PRO B 548 -14.01 -13.65 3.19
C PRO B 548 -14.72 -13.82 1.83
N SER B 549 -14.52 -14.99 1.17
CA SER B 549 -15.07 -15.28 -0.16
C SER B 549 -16.47 -15.97 -0.12
N ALA B 550 -17.05 -16.13 1.09
CA ALA B 550 -18.36 -16.77 1.24
C ALA B 550 -19.42 -16.07 0.40
N GLU B 551 -20.36 -16.85 -0.12
CA GLU B 551 -21.51 -16.31 -0.83
C GLU B 551 -22.14 -15.14 -0.05
N VAL B 552 -22.48 -14.08 -0.77
CA VAL B 552 -23.22 -12.94 -0.20
C VAL B 552 -24.72 -13.25 -0.20
N LYS B 553 -25.27 -13.32 1.00
CA LYS B 553 -26.66 -13.66 1.22
C LYS B 553 -27.29 -12.43 1.85
N PHE B 554 -28.53 -12.20 1.50
CA PHE B 554 -29.26 -10.98 1.85
C PHE B 554 -30.13 -11.31 3.05
N ARG B 555 -30.21 -10.40 4.04
CA ARG B 555 -30.94 -10.65 5.29
C ARG B 555 -32.44 -10.83 4.99
N ARG B 556 -33.08 -11.76 5.72
CA ARG B 556 -34.53 -12.01 5.68
C ARG B 556 -35.36 -10.80 6.13
N GLY B 557 -36.52 -10.60 5.47
CA GLY B 557 -37.49 -9.55 5.78
C GLY B 557 -37.08 -8.18 5.24
N LEU B 558 -35.92 -8.08 4.54
CA LEU B 558 -35.48 -6.80 3.95
C LEU B 558 -35.42 -6.95 2.44
N PRO B 559 -35.79 -5.87 1.67
CA PRO B 559 -35.64 -5.94 0.21
C PRO B 559 -34.15 -6.11 -0.08
N PRO B 560 -33.76 -7.15 -0.88
CA PRO B 560 -32.34 -7.35 -1.18
C PRO B 560 -31.67 -6.09 -1.71
N GLY B 561 -30.50 -5.75 -1.17
CA GLY B 561 -29.77 -4.54 -1.54
C GLY B 561 -29.88 -3.47 -0.45
N ASP B 562 -30.96 -3.54 0.34
CA ASP B 562 -31.13 -2.63 1.44
C ASP B 562 -29.99 -2.91 2.39
N GLY B 563 -29.18 -1.88 2.65
CA GLY B 563 -28.11 -2.06 3.63
C GLY B 563 -26.82 -2.57 3.01
N VAL B 564 -26.79 -2.75 1.65
CA VAL B 564 -25.63 -3.33 0.96
C VAL B 564 -25.27 -2.48 -0.25
N LEU B 565 -24.18 -1.69 -0.13
CA LEU B 565 -23.74 -0.81 -1.21
C LEU B 565 -22.40 -1.26 -1.82
N TYR B 566 -21.66 -2.15 -1.13
CA TYR B 566 -20.43 -2.73 -1.69
C TYR B 566 -20.33 -4.18 -1.26
N TYR B 567 -19.58 -4.98 -2.04
CA TYR B 567 -19.36 -6.38 -1.76
C TYR B 567 -17.91 -6.64 -1.32
N PRO B 568 -17.58 -7.80 -0.68
CA PRO B 568 -16.22 -8.24 -0.51
C PRO B 568 -15.55 -8.51 -1.86
N GLY B 569 -14.32 -7.99 -2.02
CA GLY B 569 -13.56 -8.22 -3.25
C GLY B 569 -13.25 -9.69 -3.52
N GLU B 570 -13.11 -10.45 -2.42
CA GLU B 570 -12.70 -11.85 -2.40
C GLU B 570 -13.80 -12.76 -2.90
N VAL B 571 -15.04 -12.28 -2.96
CA VAL B 571 -16.09 -13.08 -3.55
C VAL B 571 -15.85 -13.20 -5.07
N PHE B 572 -15.23 -12.13 -5.65
CA PHE B 572 -15.19 -11.91 -7.09
C PHE B 572 -13.78 -12.07 -7.68
N SER B 573 -12.71 -12.05 -6.87
CA SER B 573 -11.33 -12.19 -7.33
C SER B 573 -10.47 -12.55 -6.11
N SER B 574 -9.13 -12.47 -6.20
CA SER B 574 -8.31 -12.72 -5.00
C SER B 574 -8.13 -11.42 -4.17
N SER B 575 -8.58 -10.27 -4.70
CA SER B 575 -8.32 -8.94 -4.16
C SER B 575 -9.03 -8.67 -2.85
N SER B 576 -8.38 -7.91 -1.94
CA SER B 576 -8.96 -7.50 -0.67
C SER B 576 -9.71 -6.14 -0.80
N GLU B 577 -9.58 -5.47 -1.94
CA GLU B 577 -10.26 -4.19 -2.19
C GLU B 577 -11.77 -4.47 -2.34
N PRO B 578 -12.65 -3.66 -1.68
CA PRO B 578 -14.10 -3.78 -1.86
C PRO B 578 -14.53 -3.57 -3.31
N VAL B 579 -15.62 -4.28 -3.64
CA VAL B 579 -16.28 -4.13 -4.95
C VAL B 579 -17.54 -3.24 -4.79
N ALA B 580 -17.54 -2.09 -5.46
CA ALA B 580 -18.71 -1.25 -5.52
C ALA B 580 -19.92 -1.89 -6.22
N SER B 581 -21.10 -1.51 -5.74
CA SER B 581 -22.33 -1.71 -6.43
C SER B 581 -22.56 -0.59 -7.45
N LEU B 582 -23.32 -0.84 -8.53
CA LEU B 582 -23.85 0.25 -9.32
C LEU B 582 -24.58 1.26 -8.45
N ARG B 583 -25.15 0.81 -7.33
CA ARG B 583 -26.01 1.70 -6.57
C ARG B 583 -25.14 2.72 -5.84
N LEU B 584 -23.97 2.28 -5.34
CA LEU B 584 -22.95 3.20 -4.77
C LEU B 584 -22.41 4.18 -5.80
N GLU B 585 -22.25 3.73 -7.03
CA GLU B 585 -21.84 4.69 -8.05
C GLU B 585 -22.93 5.71 -8.34
N ARG B 586 -24.23 5.32 -8.36
CA ARG B 586 -25.27 6.30 -8.58
C ARG B 586 -25.39 7.25 -7.36
N LEU B 587 -25.16 6.77 -6.15
CA LEU B 587 -25.06 7.65 -5.01
C LEU B 587 -23.98 8.71 -5.28
N LEU B 588 -22.76 8.34 -5.68
CA LEU B 588 -21.71 9.33 -6.00
C LEU B 588 -22.18 10.28 -7.09
N SER B 589 -22.64 9.78 -8.24
CA SER B 589 -23.18 10.63 -9.31
C SER B 589 -24.18 11.68 -8.78
N GLY B 590 -25.04 11.24 -7.83
CA GLY B 590 -26.09 12.06 -7.28
C GLY B 590 -25.54 13.21 -6.45
N LEU B 591 -24.51 12.87 -5.65
CA LEU B 591 -23.80 13.82 -4.80
C LEU B 591 -23.06 14.87 -5.63
N GLN B 592 -22.66 14.45 -6.85
CA GLN B 592 -22.00 15.33 -7.80
C GLN B 592 -23.00 16.28 -8.47
N ASP B 593 -24.17 15.74 -8.79
CA ASP B 593 -25.34 16.49 -9.22
C ASP B 593 -25.71 17.55 -8.16
N TYR B 594 -25.71 17.22 -6.86
CA TYR B 594 -26.06 18.17 -5.83
C TYR B 594 -25.16 19.43 -5.91
N GLU B 595 -23.83 19.22 -6.10
CA GLU B 595 -22.78 20.25 -6.18
C GLU B 595 -22.93 21.11 -7.44
N TYR B 596 -23.41 20.50 -8.56
CA TYR B 596 -23.82 21.25 -9.74
C TYR B 596 -25.04 22.15 -9.43
N LEU B 597 -26.05 21.62 -8.76
CA LEU B 597 -27.25 22.39 -8.50
C LEU B 597 -26.94 23.50 -7.47
N LYS B 598 -26.10 23.24 -6.49
CA LYS B 598 -25.74 24.21 -5.46
C LYS B 598 -24.94 25.35 -6.07
N LEU B 599 -24.31 25.11 -7.23
CA LEU B 599 -23.50 26.12 -7.91
C LEU B 599 -24.43 27.05 -8.67
N TYR B 600 -25.33 26.45 -9.43
CA TYR B 600 -26.34 27.20 -10.14
C TYR B 600 -27.19 28.07 -9.20
N GLU B 601 -27.73 27.52 -8.11
CA GLU B 601 -28.36 28.28 -7.02
C GLU B 601 -27.53 29.51 -6.54
N SER B 602 -26.23 29.31 -6.20
CA SER B 602 -25.30 30.33 -5.75
C SER B 602 -25.20 31.52 -6.72
N LYS B 603 -25.66 31.35 -7.97
CA LYS B 603 -25.51 32.36 -9.01
C LYS B 603 -26.84 33.01 -9.33
N TYR B 604 -27.91 32.21 -9.31
CA TYR B 604 -29.22 32.55 -9.82
C TYR B 604 -30.32 32.38 -8.77
N GLY B 605 -30.01 31.91 -7.54
CA GLY B 605 -31.06 31.79 -6.52
C GLY B 605 -31.86 30.48 -6.58
N ARG B 606 -32.56 30.21 -5.46
CA ARG B 606 -33.16 28.93 -5.11
C ARG B 606 -34.22 28.62 -6.14
N GLU B 607 -35.03 29.63 -6.45
CA GLU B 607 -36.23 29.44 -7.24
C GLU B 607 -35.90 29.11 -8.70
N GLU B 608 -34.80 29.67 -9.23
CA GLU B 608 -34.31 29.34 -10.58
C GLU B 608 -33.66 27.93 -10.64
N ALA B 609 -32.88 27.53 -9.61
CA ALA B 609 -32.35 26.17 -9.42
C ALA B 609 -33.44 25.09 -9.41
N MET B 610 -34.52 25.31 -8.64
CA MET B 610 -35.67 24.44 -8.59
C MET B 610 -36.35 24.29 -9.94
N GLY B 611 -36.38 25.40 -10.69
CA GLY B 611 -36.94 25.44 -12.02
C GLY B 611 -36.16 24.63 -13.02
N LEU B 612 -34.84 24.81 -13.02
CA LEU B 612 -33.94 23.93 -13.75
C LEU B 612 -34.26 22.43 -13.56
N LEU B 613 -34.21 21.96 -12.30
CA LEU B 613 -34.41 20.55 -11.96
C LEU B 613 -35.68 19.99 -12.58
N GLU B 614 -36.80 20.73 -12.40
CA GLU B 614 -38.07 20.32 -12.94
C GLU B 614 -38.17 20.50 -14.46
N LYS B 615 -37.70 21.61 -15.06
CA LYS B 615 -38.09 21.96 -16.45
C LYS B 615 -37.20 21.24 -17.47
N THR B 616 -36.02 20.73 -17.02
CA THR B 616 -35.25 19.74 -17.77
C THR B 616 -35.88 18.33 -17.79
N GLY B 617 -36.83 18.05 -16.89
CA GLY B 617 -37.46 16.73 -16.74
C GLY B 617 -36.72 15.78 -15.77
N VAL B 618 -35.65 16.25 -15.11
CA VAL B 618 -34.81 15.40 -14.30
C VAL B 618 -35.63 14.94 -13.11
N TYR B 619 -36.29 15.85 -12.41
CA TYR B 619 -37.00 15.49 -11.18
C TYR B 619 -38.13 16.49 -10.93
N THR B 620 -39.36 15.93 -11.01
CA THR B 620 -40.62 16.63 -10.71
C THR B 620 -41.08 16.36 -9.25
N GLY B 621 -41.13 15.09 -8.82
CA GLY B 621 -41.27 14.76 -7.40
C GLY B 621 -41.10 13.26 -7.17
N PRO B 622 -41.41 12.75 -5.95
CA PRO B 622 -40.99 11.42 -5.50
C PRO B 622 -41.41 10.27 -6.42
N GLU B 623 -42.47 10.47 -7.24
CA GLU B 623 -42.98 9.44 -8.15
C GLU B 623 -42.83 9.85 -9.62
N ARG B 624 -42.09 10.92 -9.91
CA ARG B 624 -41.94 11.47 -11.25
C ARG B 624 -40.53 12.03 -11.46
N TYR B 625 -39.72 11.32 -12.25
CA TYR B 625 -38.33 11.68 -12.44
C TYR B 625 -37.96 11.04 -13.76
N THR B 626 -36.91 11.54 -14.40
CA THR B 626 -36.51 11.03 -15.71
C THR B 626 -36.23 9.52 -15.65
N LEU B 627 -36.74 8.81 -16.65
CA LEU B 627 -36.49 7.41 -16.89
C LEU B 627 -35.37 7.29 -17.92
N GLU B 628 -34.85 8.39 -18.44
CA GLU B 628 -33.81 8.31 -19.46
C GLU B 628 -32.65 9.24 -19.08
N HIS B 629 -31.52 9.05 -19.76
CA HIS B 629 -30.32 9.80 -19.41
C HIS B 629 -30.34 11.24 -19.93
N ARG B 630 -30.90 11.48 -21.12
CA ARG B 630 -30.66 12.75 -21.82
C ARG B 630 -30.96 13.96 -20.91
N PRO B 631 -32.10 14.05 -20.14
CA PRO B 631 -32.34 15.21 -19.25
C PRO B 631 -31.21 15.52 -18.28
N ILE B 632 -30.48 14.49 -17.86
CA ILE B 632 -29.40 14.67 -16.90
C ILE B 632 -28.28 15.48 -17.57
N ASP B 633 -28.08 15.25 -18.87
CA ASP B 633 -27.06 15.95 -19.64
C ASP B 633 -27.49 17.37 -20.04
N VAL B 634 -28.75 17.53 -20.43
CA VAL B 634 -29.34 18.84 -20.61
C VAL B 634 -29.14 19.68 -19.34
N LEU B 635 -29.22 19.07 -18.16
CA LEU B 635 -29.12 19.82 -16.91
C LEU B 635 -27.68 20.19 -16.66
N ARG B 636 -26.79 19.20 -16.75
CA ARG B 636 -25.38 19.44 -16.49
C ARG B 636 -24.81 20.43 -17.54
N GLY B 637 -25.20 20.31 -18.81
CA GLY B 637 -24.73 21.17 -19.91
C GLY B 637 -25.15 22.64 -19.73
N GLU B 638 -26.37 22.86 -19.22
CA GLU B 638 -26.91 24.17 -18.84
C GLU B 638 -26.14 24.77 -17.66
N VAL B 639 -25.71 23.96 -16.69
CA VAL B 639 -24.85 24.47 -15.63
C VAL B 639 -23.51 24.90 -16.20
N TYR B 640 -22.88 24.07 -17.05
CA TYR B 640 -21.65 24.46 -17.77
C TYR B 640 -21.82 25.75 -18.59
N ASN B 641 -22.84 25.91 -19.46
CA ASN B 641 -22.97 27.10 -20.31
C ASN B 641 -23.15 28.38 -19.46
N THR B 642 -23.79 28.27 -18.28
CA THR B 642 -24.19 29.45 -17.53
C THR B 642 -23.32 29.74 -16.29
N CYS B 643 -22.34 28.91 -15.96
CA CYS B 643 -21.55 29.17 -14.75
C CYS B 643 -20.06 29.03 -15.11
N ARG B 644 -19.74 29.10 -16.42
CA ARG B 644 -18.45 28.75 -17.04
C ARG B 644 -17.30 29.69 -16.62
N PRO B 645 -17.59 30.97 -16.24
CA PRO B 645 -16.69 31.79 -15.37
C PRO B 645 -15.63 31.11 -14.45
C1 GNL C . 25.75 -19.72 15.34
S1 GNL C . 24.50 -18.51 14.74
C2 GNL C . 26.00 -19.31 16.83
N2 GNL C . 24.67 -18.92 17.35
C3 GNL C . 26.95 -18.13 17.02
O3 GNL C . 27.45 -17.87 18.36
C4 GNL C . 28.18 -18.33 16.13
O4 GNL C . 28.96 -19.41 16.58
C5 GNL C . 27.75 -18.55 14.69
O5 GNL C . 26.91 -19.71 14.56
C6 GNL C . 28.92 -18.74 13.73
O6 GNL C . 28.50 -18.94 12.43
C7 GNL C . 23.90 -18.39 16.46
C8 GNL C . 22.57 -17.77 16.74
C1 PEG D . 15.45 -34.92 7.77
O1 PEG D . 14.33 -35.72 7.44
C2 PEG D . 15.33 -33.54 7.15
O2 PEG D . 16.59 -32.86 7.28
C3 PEG D . 17.00 -32.13 6.13
C4 PEG D . 18.50 -32.04 6.12
O4 PEG D . 19.06 -32.74 5.03
C1 GNL E . -34.07 1.32 9.59
S1 GNL E . -33.06 2.70 8.83
C2 GNL E . -33.28 1.03 10.87
N2 GNL E . -32.76 2.34 11.33
C3 GNL E . -32.11 0.02 10.70
O3 GNL E . -31.55 -0.43 11.93
C4 GNL E . -32.59 -1.15 9.82
O4 GNL E . -33.54 -1.94 10.48
C5 GNL E . -33.22 -0.64 8.51
O5 GNL E . -34.34 0.21 8.77
C6 GNL E . -33.80 -1.72 7.65
O6 GNL E . -34.18 -1.19 6.36
C7 GNL E . -32.56 3.19 10.43
C8 GNL E . -31.98 4.55 10.64
C1 PEG F . -48.83 10.36 4.04
O1 PEG F . -48.98 8.98 3.93
C2 PEG F . -48.41 10.76 5.41
O2 PEG F . -49.10 11.92 5.87
C3 PEG F . -50.52 11.73 5.96
C4 PEG F . -51.04 12.50 7.09
O4 PEG F . -52.01 13.39 6.69
CL CL G . -14.54 25.98 -18.96
#